data_4LC4
#
_entry.id   4LC4
#
_cell.length_a   51.221
_cell.length_b   80.879
_cell.length_c   83.323
_cell.angle_alpha   90.00
_cell.angle_beta   98.40
_cell.angle_gamma   90.00
#
_symmetry.space_group_name_H-M   'P 1 21 1'
#
loop_
_entity.id
_entity.type
_entity.pdbx_description
1 polymer 'Probable sugar kinase protein'
2 non-polymer ADENOSINE
3 non-polymer GUANOSINE
4 non-polymer 'DIMETHYL SULFOXIDE'
5 non-polymer 'POTASSIUM ION'
6 water water
#
_entity_poly.entity_id   1
_entity_poly.type   'polypeptide(L)'
_entity_poly.pdbx_seq_one_letter_code
;(MSE)HHHHHHSSGVDLGTENLYFQS(MSE)TRFDVLTVGNAIVDIISRCNDQFLIDNQITKAA(MSE)NLIDAERAELL
YSR(MSE)GPALEASGGSAGNTAAGVANLGGKAAYFGNVAADQLGDIFTHDIRAQGVHYQTKPKGAFPPTARS(MSE)IF
VTEDGERS(MSE)NTYLGACVELGPEDVEADVVADAKVTYFEGYLWDPPRAKEAILDCARIAHQHGRE(MSE)S(MSE)T
LSDSFCVDRYRGEFLDL(MSE)RSGKVDIVFANRQEALSLYQTDDFEEALNRIAADCKIAAVT(MSE)SENGAVILKGRE
RYYVNAIRIREVVDTTGAGDLFASGFLYGYTQGRSLEDCGKLGCLAAGIVIQQIGPRP(MSE)TSLSEAAKQAGLI
;
_entity_poly.pdbx_strand_id   A,B
#
# COMPACT_ATOMS: atom_id res chain seq x y z
N THR A 24 27.79 -13.02 -17.47
CA THR A 24 26.93 -11.92 -17.87
C THR A 24 26.48 -11.17 -16.64
N ARG A 25 26.65 -9.85 -16.65
CA ARG A 25 26.22 -8.98 -15.56
C ARG A 25 24.76 -9.20 -15.17
N PHE A 26 23.89 -9.30 -16.19
CA PHE A 26 22.45 -9.39 -15.98
C PHE A 26 21.80 -10.49 -16.79
N ASP A 27 20.82 -11.14 -16.18
CA ASP A 27 19.97 -12.10 -16.87
C ASP A 27 18.89 -11.38 -17.66
N VAL A 28 18.24 -10.41 -17.03
CA VAL A 28 17.12 -9.73 -17.66
C VAL A 28 17.18 -8.23 -17.37
N LEU A 29 17.20 -7.43 -18.43
CA LEU A 29 16.95 -6.02 -18.34
C LEU A 29 15.51 -5.78 -18.81
N THR A 30 14.74 -5.03 -18.03
CA THR A 30 13.41 -4.66 -18.51
C THR A 30 13.33 -3.15 -18.69
N VAL A 31 12.46 -2.72 -19.61
CA VAL A 31 12.32 -1.29 -19.91
C VAL A 31 10.83 -0.99 -19.95
N GLY A 32 10.39 0.02 -19.18
CA GLY A 32 8.98 0.37 -19.18
C GLY A 32 8.63 1.70 -18.56
N ASN A 33 7.34 1.97 -18.52
CA ASN A 33 6.80 3.15 -17.82
C ASN A 33 6.87 2.99 -16.31
N ALA A 34 7.64 3.87 -15.67
CA ALA A 34 7.85 3.81 -14.23
C ALA A 34 6.66 4.44 -13.53
N ILE A 35 5.89 3.61 -12.83
CA ILE A 35 4.59 4.02 -12.28
C ILE A 35 4.43 3.62 -10.82
N VAL A 36 3.79 4.47 -10.03
CA VAL A 36 3.32 4.07 -8.69
C VAL A 36 1.81 3.80 -8.76
N ASP A 37 1.38 2.67 -8.24
CA ASP A 37 -0.03 2.29 -8.24
C ASP A 37 -0.75 2.84 -7.03
N ILE A 38 -1.96 3.33 -7.27
CA ILE A 38 -2.86 3.82 -6.22
C ILE A 38 -4.07 2.89 -6.33
N ILE A 39 -4.26 2.04 -5.32
CA ILE A 39 -5.18 0.88 -5.44
C ILE A 39 -6.41 0.97 -4.53
N SER A 40 -7.59 0.72 -5.10
CA SER A 40 -8.81 0.72 -4.32
C SER A 40 -9.79 -0.31 -4.86
N ARG A 41 -10.54 -0.95 -3.98
CA ARG A 41 -11.61 -1.85 -4.40
C ARG A 41 -12.86 -1.04 -4.73
N CYS A 42 -13.54 -1.38 -5.83
CA CYS A 42 -14.79 -0.70 -6.18
C CYS A 42 -15.91 -1.69 -6.52
N ASN A 43 -17.15 -1.21 -6.50
CA ASN A 43 -18.28 -2.00 -7.00
C ASN A 43 -18.36 -1.93 -8.53
N ASP A 44 -19.17 -2.79 -9.13
CA ASP A 44 -19.26 -2.88 -10.59
C ASP A 44 -19.76 -1.58 -11.21
N GLN A 45 -20.70 -0.93 -10.52
CA GLN A 45 -21.30 0.30 -11.02
C GLN A 45 -20.32 1.45 -11.12
N PHE A 46 -19.29 1.47 -10.27
CA PHE A 46 -18.31 2.56 -10.30
C PHE A 46 -17.63 2.68 -11.67
N LEU A 47 -17.29 1.54 -12.26
CA LEU A 47 -16.65 1.52 -13.59
C LEU A 47 -17.59 2.06 -14.67
N ILE A 48 -18.85 1.65 -14.62
CA ILE A 48 -19.86 2.13 -15.58
C ILE A 48 -20.11 3.64 -15.43
N ASP A 49 -20.30 4.10 -14.19
CA ASP A 49 -20.57 5.53 -13.93
C ASP A 49 -19.42 6.44 -14.37
N ASN A 50 -18.20 5.91 -14.32
CA ASN A 50 -17.02 6.69 -14.67
C ASN A 50 -16.43 6.38 -16.04
N GLN A 51 -17.15 5.59 -16.83
CA GLN A 51 -16.75 5.24 -18.19
C GLN A 51 -15.30 4.71 -18.21
N ILE A 52 -14.97 3.89 -17.23
CA ILE A 52 -13.68 3.19 -17.16
C ILE A 52 -13.82 1.85 -17.85
N THR A 53 -12.95 1.59 -18.83
CA THR A 53 -12.99 0.30 -19.56
C THR A 53 -12.46 -0.81 -18.65
N LYS A 54 -13.32 -1.78 -18.32
CA LYS A 54 -12.96 -2.84 -17.36
C LYS A 54 -11.81 -3.70 -17.89
N ALA A 55 -10.88 -4.03 -16.99
CA ALA A 55 -9.75 -4.95 -17.26
C ALA A 55 -8.68 -4.36 -18.17
N ALA A 56 -8.82 -3.08 -18.51
CA ALA A 56 -7.93 -2.43 -19.46
C ALA A 56 -7.07 -1.33 -18.83
N ASN A 58 -6.40 2.38 -19.14
CA ASN A 58 -7.03 3.59 -19.63
C ASN A 58 -6.07 4.77 -19.42
N LEU A 59 -5.56 5.35 -20.49
CA LEU A 59 -4.72 6.56 -20.36
C LEU A 59 -5.59 7.75 -19.99
N ILE A 60 -5.10 8.57 -19.06
CA ILE A 60 -5.83 9.77 -18.62
C ILE A 60 -4.90 10.98 -18.54
N ASP A 61 -5.47 12.17 -18.72
CA ASP A 61 -4.74 13.41 -18.52
C ASP A 61 -4.77 13.85 -17.05
N ALA A 62 -4.11 14.97 -16.75
CA ALA A 62 -3.98 15.44 -15.36
C ALA A 62 -5.33 15.83 -14.76
N GLU A 63 -6.17 16.50 -15.55
CA GLU A 63 -7.53 16.86 -15.12
C GLU A 63 -8.36 15.63 -14.75
N ARG A 64 -8.35 14.61 -15.62
CA ARG A 64 -9.08 13.38 -15.36
C ARG A 64 -8.54 12.62 -14.17
N ALA A 65 -7.22 12.67 -13.99
CA ALA A 65 -6.58 12.05 -12.84
C ALA A 65 -7.10 12.68 -11.54
N GLU A 66 -7.14 14.00 -11.49
CA GLU A 66 -7.70 14.72 -10.32
C GLU A 66 -9.16 14.32 -10.10
N LEU A 67 -9.94 14.28 -11.18
CA LEU A 67 -11.35 13.92 -11.10
C LEU A 67 -11.54 12.51 -10.53
N LEU A 68 -10.90 11.52 -11.15
CA LEU A 68 -11.07 10.14 -10.69
C LEU A 68 -10.59 9.98 -9.25
N TYR A 69 -9.48 10.62 -8.91
CA TYR A 69 -8.96 10.51 -7.54
C TYR A 69 -10.00 11.06 -6.54
N SER A 70 -10.67 12.14 -6.93
CA SER A 70 -11.69 12.73 -6.05
C SER A 70 -12.84 11.76 -5.77
N ARG A 71 -13.07 10.82 -6.68
CA ARG A 71 -14.16 9.87 -6.57
C ARG A 71 -13.75 8.52 -5.97
N GLY A 73 -12.08 5.83 -3.32
CA GLY A 73 -12.11 5.61 -1.88
C GLY A 73 -10.69 5.66 -1.33
N PRO A 74 -10.53 5.46 -0.01
CA PRO A 74 -9.21 5.36 0.60
C PRO A 74 -8.40 4.28 -0.13
N ALA A 75 -7.14 4.57 -0.39
CA ALA A 75 -6.31 3.73 -1.25
C ALA A 75 -5.03 3.27 -0.58
N LEU A 76 -4.38 2.34 -1.23
CA LEU A 76 -3.04 1.93 -0.83
CA LEU A 76 -3.04 1.88 -0.85
C LEU A 76 -2.11 2.18 -2.01
N GLU A 77 -0.87 2.56 -1.72
CA GLU A 77 0.10 2.80 -2.77
C GLU A 77 1.16 1.71 -2.79
N ALA A 78 1.52 1.31 -4.00
CA ALA A 78 2.58 0.31 -4.21
C ALA A 78 3.26 0.60 -5.54
N SER A 79 4.58 0.43 -5.59
CA SER A 79 5.32 0.57 -6.84
C SER A 79 4.77 -0.42 -7.86
N GLY A 80 4.57 0.07 -9.09
CA GLY A 80 4.06 -0.75 -10.19
C GLY A 80 4.89 -0.58 -11.46
N GLY A 81 4.21 -0.41 -12.59
CA GLY A 81 4.89 -0.43 -13.89
C GLY A 81 5.06 -1.88 -14.32
N SER A 82 4.49 -2.23 -15.47
CA SER A 82 4.52 -3.61 -15.95
CA SER A 82 4.52 -3.61 -15.95
C SER A 82 5.92 -4.21 -15.93
N ALA A 83 6.88 -3.56 -16.64
CA ALA A 83 8.29 -4.01 -16.72
C ALA A 83 8.99 -3.90 -15.37
N GLY A 84 8.61 -2.89 -14.59
CA GLY A 84 9.14 -2.75 -13.23
C GLY A 84 8.82 -4.00 -12.41
N ASN A 85 7.56 -4.41 -12.46
CA ASN A 85 7.10 -5.59 -11.73
C ASN A 85 7.83 -6.83 -12.23
N THR A 86 7.98 -6.95 -13.55
CA THR A 86 8.72 -8.08 -14.14
C THR A 86 10.17 -8.15 -13.67
N ALA A 87 10.89 -7.02 -13.70
CA ALA A 87 12.26 -6.98 -13.18
C ALA A 87 12.29 -7.43 -11.72
N ALA A 88 11.39 -6.88 -10.91
CA ALA A 88 11.33 -7.21 -9.46
C ALA A 88 11.12 -8.71 -9.28
N GLY A 89 10.27 -9.30 -10.12
CA GLY A 89 9.96 -10.73 -10.04
C GLY A 89 11.16 -11.61 -10.38
N VAL A 90 11.93 -11.20 -11.39
CA VAL A 90 13.17 -11.92 -11.76
C VAL A 90 14.16 -11.90 -10.58
N ALA A 91 14.32 -10.73 -9.95
CA ALA A 91 15.23 -10.57 -8.80
C ALA A 91 14.77 -11.42 -7.61
N ASN A 92 13.47 -11.41 -7.36
CA ASN A 92 12.86 -12.22 -6.32
C ASN A 92 13.16 -13.71 -6.48
N LEU A 93 13.01 -14.22 -7.72
CA LEU A 93 13.34 -15.63 -8.04
C LEU A 93 14.82 -15.99 -7.97
N GLY A 94 15.67 -14.98 -7.97
CA GLY A 94 17.11 -15.16 -7.80
C GLY A 94 17.95 -14.78 -9.00
N GLY A 95 17.32 -14.23 -10.03
CA GLY A 95 18.02 -13.82 -11.24
C GLY A 95 18.62 -12.43 -11.06
N LYS A 96 19.51 -12.07 -11.97
CA LYS A 96 20.10 -10.73 -11.94
CA LYS A 96 20.12 -10.73 -11.95
C LYS A 96 19.36 -9.81 -12.90
N ALA A 97 18.68 -8.81 -12.32
CA ALA A 97 17.84 -7.90 -13.11
C ALA A 97 18.25 -6.42 -13.10
N ALA A 98 17.91 -5.73 -14.18
CA ALA A 98 18.11 -4.30 -14.33
C ALA A 98 16.86 -3.70 -14.94
N TYR A 99 16.70 -2.39 -14.77
CA TYR A 99 15.50 -1.68 -15.23
C TYR A 99 15.81 -0.29 -15.74
N PHE A 100 15.19 0.09 -16.87
CA PHE A 100 15.19 1.49 -17.35
C PHE A 100 13.75 2.01 -17.27
N GLY A 101 13.56 3.18 -16.67
CA GLY A 101 12.23 3.81 -16.62
C GLY A 101 12.40 5.12 -15.90
N ASN A 102 11.64 6.13 -16.30
CA ASN A 102 11.86 7.50 -15.83
C ASN A 102 10.82 7.99 -14.86
N VAL A 103 11.29 8.39 -13.67
CA VAL A 103 10.44 9.01 -12.64
C VAL A 103 10.81 10.50 -12.53
N ALA A 104 10.07 11.22 -11.69
CA ALA A 104 10.41 12.59 -11.36
C ALA A 104 11.16 12.64 -10.04
N ALA A 105 11.79 13.79 -9.77
CA ALA A 105 12.45 14.01 -8.50
C ALA A 105 11.40 14.48 -7.48
N ASP A 106 10.52 13.56 -7.09
CA ASP A 106 9.47 13.84 -6.11
C ASP A 106 9.28 12.65 -5.21
N GLN A 107 8.35 12.75 -4.26
CA GLN A 107 8.15 11.69 -3.26
C GLN A 107 7.72 10.37 -3.87
N LEU A 108 6.82 10.42 -4.85
CA LEU A 108 6.41 9.19 -5.56
C LEU A 108 7.58 8.56 -6.32
N GLY A 109 8.43 9.40 -6.92
CA GLY A 109 9.63 8.92 -7.61
C GLY A 109 10.60 8.27 -6.65
N ASP A 110 10.70 8.83 -5.45
CA ASP A 110 11.57 8.27 -4.41
C ASP A 110 11.07 6.92 -3.93
N ILE A 111 9.76 6.77 -3.83
CA ILE A 111 9.13 5.49 -3.47
C ILE A 111 9.48 4.46 -4.56
N PHE A 112 9.27 4.84 -5.82
CA PHE A 112 9.55 3.91 -6.91
C PHE A 112 11.01 3.48 -6.89
N THR A 113 11.89 4.46 -6.77
CA THR A 113 13.33 4.19 -6.77
C THR A 113 13.68 3.26 -5.62
N HIS A 114 13.16 3.57 -4.43
CA HIS A 114 13.44 2.73 -3.28
C HIS A 114 13.04 1.27 -3.49
N ASP A 115 11.81 1.06 -3.96
CA ASP A 115 11.23 -0.28 -3.97
C ASP A 115 11.94 -1.20 -4.96
N ILE A 116 12.24 -0.69 -6.14
CA ILE A 116 12.90 -1.50 -7.18
C ILE A 116 14.36 -1.81 -6.79
N ARG A 117 15.07 -0.81 -6.28
CA ARG A 117 16.45 -0.99 -5.83
C ARG A 117 16.52 -1.92 -4.59
N ALA A 118 15.53 -1.80 -3.70
CA ALA A 118 15.48 -2.62 -2.48
C ALA A 118 15.29 -4.11 -2.77
N GLN A 119 14.72 -4.40 -3.95
CA GLN A 119 14.53 -5.77 -4.42
C GLN A 119 15.83 -6.32 -5.07
N GLY A 120 16.83 -5.45 -5.23
CA GLY A 120 18.12 -5.85 -5.81
C GLY A 120 18.18 -5.75 -7.33
N VAL A 121 17.32 -4.91 -7.90
CA VAL A 121 17.30 -4.59 -9.33
C VAL A 121 18.20 -3.37 -9.55
N HIS A 122 19.09 -3.47 -10.54
CA HIS A 122 19.90 -2.34 -10.94
C HIS A 122 18.99 -1.28 -11.53
N TYR A 123 18.92 -0.11 -10.89
CA TYR A 123 18.08 0.96 -11.39
C TYR A 123 18.79 2.29 -11.23
N GLN A 124 19.10 2.91 -12.36
CA GLN A 124 19.98 4.08 -12.38
C GLN A 124 19.50 5.21 -13.28
N THR A 125 18.29 5.10 -13.81
CA THR A 125 17.73 6.15 -14.66
C THR A 125 17.53 7.41 -13.84
N LYS A 126 18.10 8.52 -14.32
CA LYS A 126 18.12 9.77 -13.56
C LYS A 126 16.86 10.59 -13.85
N PRO A 127 16.19 11.09 -12.79
CA PRO A 127 15.05 11.99 -13.00
C PRO A 127 15.52 13.31 -13.64
N LYS A 128 14.66 13.94 -14.44
CA LYS A 128 15.04 15.18 -15.16
C LYS A 128 14.60 16.47 -14.48
N GLY A 129 13.95 16.33 -13.33
CA GLY A 129 13.38 17.44 -12.58
C GLY A 129 12.12 16.93 -11.88
N ALA A 130 11.39 17.84 -11.25
CA ALA A 130 10.20 17.47 -10.49
C ALA A 130 8.92 17.49 -11.34
N PHE A 131 9.00 18.09 -12.53
CA PHE A 131 7.84 18.26 -13.39
C PHE A 131 8.15 17.92 -14.86
N PRO A 132 7.30 17.09 -15.50
CA PRO A 132 6.07 16.48 -14.98
C PRO A 132 6.33 15.52 -13.80
N PRO A 133 5.33 15.33 -12.93
CA PRO A 133 5.54 14.47 -11.76
C PRO A 133 5.57 13.00 -12.13
N THR A 134 5.98 12.17 -11.16
CA THR A 134 6.05 10.71 -11.35
C THR A 134 4.70 10.15 -11.76
N ALA A 135 4.72 9.29 -12.79
CA ALA A 135 3.51 8.60 -13.23
C ALA A 135 2.80 7.87 -12.08
N ARG A 136 1.47 7.90 -12.13
CA ARG A 136 0.68 7.07 -11.23
C ARG A 136 -0.50 6.46 -11.97
N SER A 137 -0.94 5.31 -11.47
CA SER A 137 -2.08 4.62 -12.04
C SER A 137 -3.08 4.33 -10.92
N ILE A 139 -5.82 2.17 -9.84
CA ILE A 139 -6.27 0.83 -10.18
C ILE A 139 -7.47 0.45 -9.33
N PHE A 140 -8.56 0.17 -10.01
CA PHE A 140 -9.80 -0.20 -9.35
C PHE A 140 -10.01 -1.68 -9.50
N VAL A 141 -10.10 -2.36 -8.36
CA VAL A 141 -10.24 -3.81 -8.31
C VAL A 141 -11.69 -4.17 -7.97
N THR A 142 -12.35 -4.89 -8.88
CA THR A 142 -13.73 -5.31 -8.69
C THR A 142 -13.81 -6.61 -7.90
N GLU A 143 -15.01 -6.99 -7.47
CA GLU A 143 -15.21 -8.16 -6.59
C GLU A 143 -14.71 -9.48 -7.18
N ASP A 144 -14.74 -9.58 -8.51
CA ASP A 144 -14.18 -10.72 -9.25
C ASP A 144 -12.65 -10.75 -9.31
N GLY A 145 -12.00 -9.73 -8.72
CA GLY A 145 -10.53 -9.63 -8.72
C GLY A 145 -9.93 -8.98 -9.94
N GLU A 146 -10.76 -8.66 -10.95
CA GLU A 146 -10.27 -7.97 -12.13
C GLU A 146 -9.79 -6.56 -11.78
N ARG A 147 -8.81 -6.06 -12.54
CA ARG A 147 -8.26 -4.73 -12.29
CA ARG A 147 -8.24 -4.73 -12.29
C ARG A 147 -8.40 -3.81 -13.50
N SER A 148 -8.79 -2.56 -13.25
CA SER A 148 -9.01 -1.60 -14.31
C SER A 148 -8.18 -0.37 -13.99
N ASN A 150 -6.03 3.26 -14.59
CA ASN A 150 -6.21 4.62 -15.12
C ASN A 150 -4.95 5.41 -14.89
N THR A 151 -4.19 5.59 -15.96
CA THR A 151 -2.78 5.93 -15.87
C THR A 151 -2.47 7.30 -16.43
N TYR A 152 -1.92 8.15 -15.55
CA TYR A 152 -1.35 9.42 -15.96
C TYR A 152 0.15 9.22 -16.11
N LEU A 153 0.66 9.34 -17.33
CA LEU A 153 2.06 9.01 -17.62
C LEU A 153 3.10 9.97 -17.01
N GLY A 154 2.72 11.23 -16.79
CA GLY A 154 3.64 12.18 -16.14
C GLY A 154 5.05 12.11 -16.71
N ALA A 155 6.03 11.89 -15.83
CA ALA A 155 7.43 11.90 -16.20
C ALA A 155 7.83 10.77 -17.16
N CYS A 156 6.97 9.75 -17.33
CA CYS A 156 7.24 8.70 -18.34
C CYS A 156 7.40 9.24 -19.77
N VAL A 157 6.81 10.40 -20.06
CA VAL A 157 6.90 10.98 -21.42
C VAL A 157 8.32 11.46 -21.75
N GLU A 158 9.19 11.50 -20.73
CA GLU A 158 10.54 11.98 -20.91
C GLU A 158 11.57 10.86 -21.13
N LEU A 159 11.15 9.60 -21.04
CA LEU A 159 12.06 8.47 -21.32
C LEU A 159 12.48 8.49 -22.79
N GLY A 160 13.78 8.48 -23.03
CA GLY A 160 14.30 8.55 -24.40
C GLY A 160 15.64 7.86 -24.55
N PRO A 161 16.24 7.95 -25.76
CA PRO A 161 17.54 7.33 -26.04
C PRO A 161 18.64 7.72 -25.04
N GLU A 162 18.52 8.89 -24.41
CA GLU A 162 19.53 9.35 -23.43
C GLU A 162 19.59 8.48 -22.16
N ASP A 163 18.54 7.69 -21.96
CA ASP A 163 18.39 6.84 -20.78
C ASP A 163 18.84 5.40 -21.03
N VAL A 164 19.29 5.10 -22.24
CA VAL A 164 19.83 3.78 -22.54
C VAL A 164 21.24 3.67 -21.99
N GLU A 165 21.41 2.81 -20.99
CA GLU A 165 22.73 2.47 -20.47
C GLU A 165 23.28 1.36 -21.34
N ALA A 166 24.09 1.74 -22.33
CA ALA A 166 24.51 0.81 -23.39
C ALA A 166 25.25 -0.40 -22.85
N ASP A 167 26.12 -0.19 -21.85
CA ASP A 167 26.80 -1.30 -21.16
C ASP A 167 25.85 -2.33 -20.56
N VAL A 168 24.71 -1.87 -20.06
CA VAL A 168 23.74 -2.76 -19.42
C VAL A 168 23.03 -3.62 -20.47
N VAL A 169 22.53 -2.99 -21.52
CA VAL A 169 21.96 -3.72 -22.65
C VAL A 169 22.99 -4.73 -23.20
N ALA A 170 24.22 -4.25 -23.40
CA ALA A 170 25.32 -5.09 -23.90
C ALA A 170 25.58 -6.32 -23.02
N ASP A 171 25.31 -6.19 -21.72
CA ASP A 171 25.64 -7.22 -20.74
C ASP A 171 24.41 -7.89 -20.12
N ALA A 172 23.28 -7.89 -20.84
CA ALA A 172 22.09 -8.59 -20.34
C ALA A 172 21.64 -9.69 -21.29
N LYS A 173 21.36 -10.88 -20.77
CA LYS A 173 20.99 -12.02 -21.60
C LYS A 173 19.74 -11.73 -22.41
N VAL A 174 18.74 -11.14 -21.76
CA VAL A 174 17.50 -10.75 -22.42
C VAL A 174 17.17 -9.32 -22.04
N THR A 175 16.81 -8.50 -23.02
CA THR A 175 16.21 -7.19 -22.79
C THR A 175 14.72 -7.28 -23.16
N TYR A 176 13.87 -6.94 -22.21
CA TYR A 176 12.41 -7.07 -22.32
C TYR A 176 11.75 -5.73 -22.14
N PHE A 177 10.79 -5.43 -23.01
CA PHE A 177 10.10 -4.13 -22.96
C PHE A 177 8.59 -4.21 -23.14
N GLU A 178 7.91 -3.15 -22.71
CA GLU A 178 6.45 -3.09 -22.79
C GLU A 178 5.95 -2.51 -24.10
N GLY A 179 4.91 -3.14 -24.66
CA GLY A 179 4.13 -2.53 -25.74
C GLY A 179 3.65 -1.15 -25.31
N TYR A 180 3.35 -1.01 -24.00
CA TYR A 180 2.93 0.27 -23.41
C TYR A 180 3.87 1.45 -23.74
N LEU A 181 5.13 1.15 -24.02
CA LEU A 181 6.11 2.18 -24.35
C LEU A 181 5.81 2.92 -25.66
N TRP A 182 4.88 2.42 -26.47
CA TRP A 182 4.54 3.10 -27.71
C TRP A 182 3.62 4.32 -27.49
N ASP A 183 3.05 4.45 -26.30
CA ASP A 183 2.23 5.62 -25.96
C ASP A 183 3.02 6.92 -25.76
N PRO A 184 4.03 6.92 -24.85
CA PRO A 184 4.88 8.13 -24.76
C PRO A 184 5.69 8.35 -26.02
N PRO A 185 6.13 9.60 -26.28
CA PRO A 185 6.64 9.97 -27.60
C PRO A 185 7.98 9.38 -28.02
N ARG A 186 8.95 9.36 -27.13
CA ARG A 186 10.33 9.05 -27.53
CA ARG A 186 10.33 9.05 -27.53
C ARG A 186 10.85 7.70 -27.04
N ALA A 187 10.05 6.99 -26.24
CA ALA A 187 10.48 5.72 -25.67
C ALA A 187 10.85 4.69 -26.76
N LYS A 188 10.10 4.67 -27.86
CA LYS A 188 10.39 3.76 -28.99
C LYS A 188 11.81 3.91 -29.53
N GLU A 189 12.32 5.14 -29.53
CA GLU A 189 13.69 5.39 -29.98
C GLU A 189 14.70 4.70 -29.07
N ALA A 190 14.45 4.73 -27.75
CA ALA A 190 15.27 3.97 -26.77
C ALA A 190 15.28 2.48 -27.07
N ILE A 191 14.09 1.93 -27.33
CA ILE A 191 13.91 0.51 -27.59
C ILE A 191 14.62 0.08 -28.87
N LEU A 192 14.52 0.89 -29.93
CA LEU A 192 15.28 0.61 -31.17
C LEU A 192 16.80 0.61 -30.89
N ASP A 193 17.27 1.52 -30.05
CA ASP A 193 18.67 1.51 -29.64
C ASP A 193 19.03 0.23 -28.87
N CYS A 194 18.15 -0.19 -27.96
CA CYS A 194 18.33 -1.43 -27.20
C CYS A 194 18.42 -2.65 -28.10
N ALA A 195 17.52 -2.74 -29.09
CA ALA A 195 17.51 -3.86 -30.05
C ALA A 195 18.85 -3.99 -30.79
N ARG A 196 19.37 -2.84 -31.24
CA ARG A 196 20.64 -2.81 -31.96
C ARG A 196 21.77 -3.33 -31.08
N ILE A 197 21.90 -2.76 -29.89
CA ILE A 197 22.99 -3.09 -28.97
C ILE A 197 22.87 -4.56 -28.56
N ALA A 198 21.68 -4.95 -28.13
CA ALA A 198 21.41 -6.33 -27.73
C ALA A 198 21.82 -7.33 -28.81
N HIS A 199 21.37 -7.11 -30.04
CA HIS A 199 21.64 -8.07 -31.12
C HIS A 199 23.09 -8.05 -31.60
N GLN A 200 23.74 -6.88 -31.50
CA GLN A 200 25.17 -6.76 -31.81
C GLN A 200 26.04 -7.58 -30.85
N HIS A 201 25.55 -7.78 -29.63
CA HIS A 201 26.28 -8.47 -28.58
C HIS A 201 25.75 -9.89 -28.35
N GLY A 202 24.96 -10.39 -29.32
CA GLY A 202 24.42 -11.74 -29.30
C GLY A 202 23.38 -12.04 -28.23
N ARG A 203 22.65 -11.01 -27.80
CA ARG A 203 21.64 -11.14 -26.77
CA ARG A 203 21.63 -11.16 -26.78
C ARG A 203 20.26 -11.28 -27.42
N GLU A 204 19.23 -11.53 -26.63
CA GLU A 204 17.86 -11.59 -27.16
C GLU A 204 16.94 -10.48 -26.68
N SER A 206 12.93 -9.09 -26.15
CA SER A 206 11.61 -9.61 -25.84
C SER A 206 10.62 -8.48 -25.61
N THR A 208 6.25 -7.61 -24.40
CA THR A 208 4.89 -7.98 -24.09
C THR A 208 3.98 -7.04 -24.86
N LEU A 209 2.88 -7.59 -25.35
CA LEU A 209 1.86 -6.85 -26.06
C LEU A 209 1.06 -5.91 -25.12
N SER A 210 1.16 -6.17 -23.82
CA SER A 210 0.73 -5.26 -22.71
C SER A 210 -0.77 -5.17 -22.45
N ASP A 211 -1.54 -4.88 -23.51
CA ASP A 211 -2.95 -4.57 -23.36
C ASP A 211 -3.61 -4.61 -24.75
N SER A 212 -4.78 -5.23 -24.85
CA SER A 212 -5.46 -5.37 -26.15
C SER A 212 -5.75 -4.05 -26.88
N PHE A 213 -6.07 -2.97 -26.15
CA PHE A 213 -6.26 -1.67 -26.76
C PHE A 213 -4.93 -1.06 -27.17
N CYS A 214 -3.88 -1.35 -26.41
CA CYS A 214 -2.54 -0.92 -26.79
C CYS A 214 -2.19 -1.57 -28.13
N VAL A 215 -2.52 -2.86 -28.25
CA VAL A 215 -2.35 -3.60 -29.51
C VAL A 215 -3.17 -2.96 -30.63
N ASP A 216 -4.41 -2.58 -30.34
CA ASP A 216 -5.28 -1.87 -31.31
C ASP A 216 -4.54 -0.63 -31.82
N ARG A 217 -3.89 0.11 -30.93
CA ARG A 217 -3.21 1.35 -31.28
C ARG A 217 -1.96 1.18 -32.14
N TYR A 218 -1.21 0.09 -31.91
CA TYR A 218 0.14 -0.07 -32.47
C TYR A 218 0.36 -1.39 -33.20
N ARG A 219 -0.73 -1.98 -33.67
CA ARG A 219 -0.72 -3.31 -34.30
CA ARG A 219 -0.73 -3.32 -34.31
C ARG A 219 0.38 -3.48 -35.37
N GLY A 220 0.36 -2.61 -36.37
CA GLY A 220 1.34 -2.62 -37.44
C GLY A 220 2.77 -2.49 -36.93
N GLU A 221 2.98 -1.60 -35.95
CA GLU A 221 4.32 -1.37 -35.43
C GLU A 221 4.83 -2.60 -34.68
N PHE A 222 3.95 -3.22 -33.88
CA PHE A 222 4.29 -4.44 -33.14
C PHE A 222 4.65 -5.59 -34.09
N LEU A 223 3.83 -5.80 -35.12
CA LEU A 223 4.10 -6.85 -36.11
C LEU A 223 5.42 -6.61 -36.83
N ASP A 224 5.72 -5.34 -37.12
CA ASP A 224 6.97 -4.97 -37.77
C ASP A 224 8.17 -5.27 -36.86
N LEU A 225 8.02 -5.00 -35.57
CA LEU A 225 9.07 -5.36 -34.60
C LEU A 225 9.38 -6.85 -34.65
N ARG A 227 8.50 -9.18 -37.14
CA ARG A 227 8.86 -9.67 -38.48
C ARG A 227 10.25 -9.23 -38.94
N SER A 228 10.67 -8.03 -38.53
CA SER A 228 12.01 -7.54 -38.81
C SER A 228 13.08 -8.18 -37.92
N GLY A 229 12.65 -8.94 -36.92
CA GLY A 229 13.56 -9.59 -35.99
C GLY A 229 14.09 -8.72 -34.85
N LYS A 230 13.52 -7.53 -34.66
CA LYS A 230 13.91 -6.67 -33.53
C LYS A 230 13.53 -7.32 -32.20
N VAL A 231 12.43 -8.07 -32.21
CA VAL A 231 11.94 -8.82 -31.06
CA VAL A 231 12.02 -8.83 -31.04
C VAL A 231 12.04 -10.33 -31.35
N ASP A 232 12.63 -11.08 -30.41
CA ASP A 232 12.81 -12.52 -30.55
C ASP A 232 11.77 -13.31 -29.77
N ILE A 233 11.37 -12.79 -28.62
CA ILE A 233 10.40 -13.50 -27.76
C ILE A 233 9.23 -12.57 -27.44
N VAL A 234 8.01 -13.04 -27.69
CA VAL A 234 6.80 -12.24 -27.46
CA VAL A 234 6.82 -12.23 -27.44
C VAL A 234 5.88 -12.85 -26.40
N PHE A 235 5.43 -12.02 -25.46
CA PHE A 235 4.43 -12.39 -24.47
C PHE A 235 3.09 -11.76 -24.84
N ALA A 236 2.03 -12.55 -24.75
CA ALA A 236 0.67 -12.09 -25.02
C ALA A 236 -0.29 -12.83 -24.12
N ASN A 237 -1.45 -12.23 -23.83
CA ASN A 237 -2.57 -13.02 -23.34
C ASN A 237 -3.52 -13.31 -24.49
N ARG A 238 -4.60 -14.05 -24.21
CA ARG A 238 -5.56 -14.42 -25.23
C ARG A 238 -6.11 -13.21 -25.97
N GLN A 239 -6.56 -12.20 -25.21
CA GLN A 239 -7.17 -11.03 -25.85
C GLN A 239 -6.17 -10.25 -26.71
N GLU A 240 -4.92 -10.17 -26.27
CA GLU A 240 -3.90 -9.45 -27.02
C GLU A 240 -3.57 -10.16 -28.31
N ALA A 241 -3.52 -11.50 -28.26
CA ALA A 241 -3.23 -12.32 -29.44
C ALA A 241 -4.35 -12.16 -30.48
N LEU A 242 -5.59 -12.24 -30.00
CA LEU A 242 -6.77 -12.03 -30.85
C LEU A 242 -6.76 -10.65 -31.49
N SER A 243 -6.40 -9.63 -30.70
N SER A 243 -6.41 -9.63 -30.71
CA SER A 243 -6.35 -8.25 -31.17
CA SER A 243 -6.35 -8.24 -31.18
C SER A 243 -5.24 -8.03 -32.18
C SER A 243 -5.23 -8.03 -32.18
N LEU A 244 -4.11 -8.73 -31.99
CA LEU A 244 -2.98 -8.58 -32.89
C LEU A 244 -3.37 -8.95 -34.34
N TYR A 245 -4.21 -9.96 -34.48
CA TYR A 245 -4.61 -10.43 -35.81
C TYR A 245 -6.06 -10.11 -36.16
N GLN A 246 -6.71 -9.34 -35.30
CA GLN A 246 -8.10 -8.92 -35.43
C GLN A 246 -9.03 -10.09 -35.74
N THR A 247 -8.90 -11.13 -34.93
CA THR A 247 -9.63 -12.35 -35.13
C THR A 247 -10.39 -12.78 -33.88
N ASP A 248 -11.43 -13.59 -34.08
CA ASP A 248 -12.12 -14.29 -33.00
C ASP A 248 -11.61 -15.73 -32.85
N ASP A 249 -10.72 -16.13 -33.75
CA ASP A 249 -10.22 -17.51 -33.85
C ASP A 249 -8.89 -17.64 -33.13
N PHE A 250 -8.91 -18.19 -31.92
CA PHE A 250 -7.69 -18.35 -31.13
C PHE A 250 -6.66 -19.27 -31.77
N GLU A 251 -7.11 -20.30 -32.48
CA GLU A 251 -6.17 -21.20 -33.17
C GLU A 251 -5.45 -20.47 -34.30
N GLU A 252 -6.16 -19.61 -35.03
CA GLU A 252 -5.53 -18.74 -36.03
C GLU A 252 -4.48 -17.84 -35.39
N ALA A 253 -4.85 -17.17 -34.30
CA ALA A 253 -3.93 -16.29 -33.58
C ALA A 253 -2.65 -17.02 -33.19
N LEU A 254 -2.77 -18.25 -32.67
CA LEU A 254 -1.60 -19.02 -32.28
C LEU A 254 -0.72 -19.36 -33.49
N ASN A 255 -1.35 -19.81 -34.58
CA ASN A 255 -0.59 -20.15 -35.77
C ASN A 255 0.15 -18.93 -36.32
N ARG A 256 -0.51 -17.78 -36.33
CA ARG A 256 0.08 -16.58 -36.88
C ARG A 256 1.21 -16.01 -36.00
N ILE A 257 1.01 -16.03 -34.68
CA ILE A 257 2.03 -15.49 -33.78
C ILE A 257 3.31 -16.35 -33.85
N ALA A 258 3.12 -17.67 -33.95
CA ALA A 258 4.24 -18.62 -34.14
C ALA A 258 5.02 -18.36 -35.44
N ALA A 259 4.34 -17.89 -36.48
CA ALA A 259 4.98 -17.54 -37.74
C ALA A 259 5.70 -16.19 -37.69
N ASP A 260 5.27 -15.31 -36.78
CA ASP A 260 5.79 -13.94 -36.73
C ASP A 260 6.95 -13.68 -35.77
N CYS A 261 7.17 -14.61 -34.83
CA CYS A 261 8.27 -14.45 -33.88
CA CYS A 261 8.22 -14.46 -33.81
C CYS A 261 8.92 -15.80 -33.55
N LYS A 262 10.16 -15.75 -33.07
CA LYS A 262 10.91 -16.98 -32.78
C LYS A 262 10.27 -17.79 -31.65
N ILE A 263 9.94 -17.14 -30.55
CA ILE A 263 9.25 -17.81 -29.44
C ILE A 263 8.10 -16.93 -28.98
N ALA A 264 6.94 -17.54 -28.78
CA ALA A 264 5.77 -16.83 -28.27
C ALA A 264 5.28 -17.52 -27.00
N ALA A 265 5.05 -16.73 -25.94
CA ALA A 265 4.43 -17.29 -24.75
C ALA A 265 3.06 -16.65 -24.65
N VAL A 266 2.01 -17.48 -24.73
CA VAL A 266 0.63 -16.97 -24.73
C VAL A 266 -0.14 -17.46 -23.50
N THR A 267 -0.53 -16.52 -22.64
CA THR A 267 -1.26 -16.88 -21.41
C THR A 267 -2.77 -16.91 -21.65
N SER A 269 -5.22 -17.10 -18.84
CA SER A 269 -5.86 -16.95 -17.53
C SER A 269 -5.89 -18.27 -16.75
N GLU A 270 -7.07 -18.69 -16.28
CA GLU A 270 -7.22 -19.91 -15.48
C GLU A 270 -6.86 -21.18 -16.27
N ASN A 271 -6.78 -21.05 -17.59
CA ASN A 271 -6.41 -22.15 -18.48
C ASN A 271 -4.90 -22.27 -18.73
N GLY A 272 -4.12 -21.55 -17.93
CA GLY A 272 -2.66 -21.65 -17.97
C GLY A 272 -2.04 -20.90 -19.13
N ALA A 273 -1.20 -21.58 -19.91
CA ALA A 273 -0.46 -20.93 -20.99
C ALA A 273 -0.01 -21.93 -22.04
N VAL A 274 0.35 -21.42 -23.21
CA VAL A 274 0.96 -22.25 -24.27
C VAL A 274 2.21 -21.53 -24.77
N ILE A 275 3.30 -22.27 -24.87
CA ILE A 275 4.56 -21.73 -25.38
C ILE A 275 4.75 -22.28 -26.79
N LEU A 276 5.04 -21.40 -27.73
CA LEU A 276 5.21 -21.79 -29.11
C LEU A 276 6.61 -21.49 -29.60
N LYS A 277 7.18 -22.44 -30.34
CA LYS A 277 8.46 -22.22 -31.02
C LYS A 277 8.46 -23.00 -32.33
N GLY A 278 8.33 -22.27 -33.44
CA GLY A 278 8.14 -22.92 -34.75
C GLY A 278 6.85 -23.71 -34.75
N ARG A 279 6.99 -25.03 -34.86
CA ARG A 279 5.84 -25.94 -34.78
C ARG A 279 5.67 -26.57 -33.40
N GLU A 280 6.67 -26.38 -32.54
CA GLU A 280 6.61 -26.88 -31.16
C GLU A 280 5.54 -26.13 -30.35
N ARG A 281 4.72 -26.88 -29.61
CA ARG A 281 3.75 -26.31 -28.68
CA ARG A 281 3.74 -26.30 -28.69
C ARG A 281 3.86 -27.00 -27.33
N TYR A 282 3.99 -26.20 -26.27
CA TYR A 282 4.08 -26.73 -24.91
C TYR A 282 2.98 -26.11 -24.05
N TYR A 283 2.04 -26.94 -23.62
CA TYR A 283 0.93 -26.45 -22.79
C TYR A 283 1.24 -26.60 -21.32
N VAL A 284 0.98 -25.53 -20.56
CA VAL A 284 1.24 -25.51 -19.12
CA VAL A 284 1.21 -25.54 -19.11
C VAL A 284 -0.04 -25.12 -18.35
N ASN A 285 -0.32 -25.83 -17.26
CA ASN A 285 -1.47 -25.55 -16.39
C ASN A 285 -1.27 -24.35 -15.45
N ALA A 286 -2.36 -23.66 -15.15
CA ALA A 286 -2.39 -22.69 -14.06
C ALA A 286 -2.31 -23.45 -12.74
N ILE A 287 -1.70 -22.83 -11.73
CA ILE A 287 -1.61 -23.45 -10.40
C ILE A 287 -2.95 -23.33 -9.68
N ARG A 288 -3.17 -24.16 -8.66
CA ARG A 288 -4.36 -24.00 -7.84
C ARG A 288 -4.19 -22.82 -6.88
N ILE A 289 -5.25 -22.02 -6.75
CA ILE A 289 -5.20 -20.80 -5.93
C ILE A 289 -6.33 -20.78 -4.91
N ARG A 290 -6.08 -20.11 -3.78
CA ARG A 290 -7.09 -19.92 -2.74
C ARG A 290 -8.25 -19.06 -3.25
N GLU A 291 -7.91 -17.90 -3.81
CA GLU A 291 -8.89 -16.94 -4.28
C GLU A 291 -8.19 -15.90 -5.14
N VAL A 292 -8.88 -15.37 -6.13
CA VAL A 292 -8.38 -14.26 -6.93
C VAL A 292 -8.66 -12.96 -6.15
N VAL A 293 -7.64 -12.48 -5.46
CA VAL A 293 -7.71 -11.26 -4.65
C VAL A 293 -7.63 -10.02 -5.55
N ASP A 294 -6.66 -10.02 -6.47
CA ASP A 294 -6.36 -8.87 -7.32
C ASP A 294 -5.43 -9.34 -8.43
N THR A 295 -5.91 -9.36 -9.68
CA THR A 295 -5.14 -9.89 -10.82
C THR A 295 -3.99 -8.99 -11.28
N THR A 296 -3.85 -7.81 -10.68
CA THR A 296 -2.83 -6.86 -11.08
C THR A 296 -1.45 -7.51 -10.98
N GLY A 297 -0.73 -7.50 -12.10
CA GLY A 297 0.62 -8.09 -12.14
C GLY A 297 0.73 -9.52 -12.67
N ALA A 298 -0.40 -10.17 -12.92
CA ALA A 298 -0.39 -11.58 -13.36
C ALA A 298 0.52 -11.83 -14.57
N GLY A 299 0.27 -11.09 -15.65
CA GLY A 299 1.06 -11.21 -16.86
C GLY A 299 2.51 -10.81 -16.63
N ASP A 300 2.71 -9.76 -15.81
CA ASP A 300 4.06 -9.28 -15.51
C ASP A 300 4.90 -10.36 -14.86
N LEU A 301 4.29 -11.06 -13.89
CA LEU A 301 4.99 -12.08 -13.13
C LEU A 301 5.09 -13.42 -13.88
N PHE A 302 4.15 -13.68 -14.78
CA PHE A 302 4.33 -14.79 -15.74
C PHE A 302 5.63 -14.61 -16.52
N ALA A 303 5.86 -13.37 -17.01
CA ALA A 303 7.09 -13.03 -17.72
C ALA A 303 8.31 -13.19 -16.82
N SER A 304 8.20 -12.75 -15.56
CA SER A 304 9.29 -12.95 -14.60
C SER A 304 9.74 -14.42 -14.52
N GLY A 305 8.76 -15.30 -14.31
CA GLY A 305 9.02 -16.73 -14.13
C GLY A 305 9.56 -17.32 -15.41
N PHE A 306 8.96 -16.94 -16.53
CA PHE A 306 9.40 -17.46 -17.85
C PHE A 306 10.83 -17.07 -18.17
N LEU A 307 11.12 -15.77 -18.03
CA LEU A 307 12.44 -15.25 -18.38
C LEU A 307 13.52 -15.70 -17.39
N TYR A 308 13.16 -15.89 -16.13
CA TYR A 308 14.08 -16.47 -15.15
C TYR A 308 14.48 -17.88 -15.62
N GLY A 309 13.48 -18.71 -15.85
CA GLY A 309 13.72 -20.05 -16.39
C GLY A 309 14.53 -20.02 -17.66
N TYR A 310 14.20 -19.11 -18.58
CA TYR A 310 14.84 -19.04 -19.89
C TYR A 310 16.34 -18.73 -19.78
N THR A 311 16.66 -17.77 -18.92
CA THR A 311 18.03 -17.33 -18.77
C THR A 311 18.84 -18.26 -17.84
N GLN A 312 18.16 -19.22 -17.21
CA GLN A 312 18.84 -20.29 -16.48
C GLN A 312 19.04 -21.53 -17.36
N GLY A 313 18.67 -21.41 -18.64
CA GLY A 313 18.78 -22.52 -19.60
C GLY A 313 17.74 -23.63 -19.45
N ARG A 314 16.63 -23.33 -18.79
CA ARG A 314 15.56 -24.32 -18.60
C ARG A 314 14.79 -24.57 -19.90
N SER A 315 14.09 -25.70 -19.96
CA SER A 315 13.22 -26.02 -21.07
C SER A 315 12.08 -25.01 -21.16
N LEU A 316 11.56 -24.83 -22.37
CA LEU A 316 10.40 -23.97 -22.58
C LEU A 316 9.20 -24.37 -21.73
N GLU A 317 8.96 -25.68 -21.55
CA GLU A 317 7.85 -26.12 -20.70
C GLU A 317 8.06 -25.65 -19.25
N ASP A 318 9.28 -25.86 -18.74
CA ASP A 318 9.62 -25.45 -17.37
C ASP A 318 9.59 -23.94 -17.19
N CYS A 319 9.95 -23.21 -18.26
CA CYS A 319 9.83 -21.74 -18.27
C CYS A 319 8.35 -21.35 -18.09
N GLY A 320 7.48 -22.02 -18.84
CA GLY A 320 6.03 -21.89 -18.67
C GLY A 320 5.56 -22.16 -17.25
N LYS A 321 6.12 -23.21 -16.63
CA LYS A 321 5.70 -23.62 -15.29
C LYS A 321 6.12 -22.59 -14.26
N LEU A 322 7.33 -22.08 -14.40
CA LEU A 322 7.83 -21.03 -13.53
C LEU A 322 6.98 -19.76 -13.67
N GLY A 323 6.61 -19.44 -14.91
CA GLY A 323 5.69 -18.30 -15.18
C GLY A 323 4.36 -18.47 -14.50
N CYS A 324 3.75 -19.64 -14.63
CA CYS A 324 2.43 -19.87 -14.04
C CYS A 324 2.49 -19.82 -12.50
N LEU A 325 3.59 -20.31 -11.95
CA LEU A 325 3.77 -20.29 -10.51
C LEU A 325 3.84 -18.84 -9.99
N ALA A 326 4.71 -18.02 -10.58
CA ALA A 326 4.85 -16.63 -10.16
C ALA A 326 3.54 -15.85 -10.35
N ALA A 327 2.92 -16.03 -11.50
CA ALA A 327 1.63 -15.39 -11.78
C ALA A 327 0.54 -15.78 -10.76
N GLY A 328 0.41 -17.08 -10.48
CA GLY A 328 -0.54 -17.58 -9.47
C GLY A 328 -0.36 -17.00 -8.08
N ILE A 329 0.90 -16.83 -7.68
CA ILE A 329 1.21 -16.21 -6.39
C ILE A 329 0.78 -14.73 -6.33
N VAL A 330 1.13 -13.97 -7.37
CA VAL A 330 0.85 -12.51 -7.33
C VAL A 330 -0.64 -12.18 -7.28
N ILE A 331 -1.48 -12.99 -7.93
CA ILE A 331 -2.92 -12.71 -7.94
C ILE A 331 -3.65 -12.97 -6.60
N GLN A 332 -2.95 -13.59 -5.65
CA GLN A 332 -3.52 -13.90 -4.35
C GLN A 332 -3.16 -12.84 -3.29
N GLN A 333 -2.64 -11.70 -3.73
CA GLN A 333 -2.30 -10.60 -2.79
C GLN A 333 -2.67 -9.26 -3.40
N ILE A 334 -2.80 -8.25 -2.54
CA ILE A 334 -2.85 -6.84 -2.99
C ILE A 334 -1.41 -6.35 -3.20
N GLY A 335 -1.17 -5.63 -4.28
CA GLY A 335 0.19 -5.23 -4.65
C GLY A 335 0.64 -6.05 -5.85
N PRO A 336 1.27 -5.39 -6.86
CA PRO A 336 1.63 -6.07 -8.11
C PRO A 336 2.98 -6.81 -8.06
N ARG A 337 3.66 -6.77 -6.92
CA ARG A 337 4.94 -7.43 -6.78
C ARG A 337 4.90 -8.35 -5.57
N PRO A 338 5.14 -9.65 -5.79
CA PRO A 338 5.01 -10.60 -4.68
C PRO A 338 5.81 -10.17 -3.45
N THR A 340 6.22 -12.24 -0.96
CA THR A 340 6.78 -13.49 -0.48
C THR A 340 7.91 -13.95 -1.41
N SER A 341 8.71 -14.90 -0.94
CA SER A 341 9.86 -15.37 -1.70
C SER A 341 9.43 -16.31 -2.80
N LEU A 342 9.62 -15.87 -4.04
CA LEU A 342 9.32 -16.70 -5.20
C LEU A 342 10.31 -17.86 -5.34
N SER A 343 11.57 -17.61 -4.99
CA SER A 343 12.57 -18.67 -5.05
C SER A 343 12.21 -19.83 -4.11
N GLU A 344 11.71 -19.51 -2.91
CA GLU A 344 11.25 -20.53 -1.96
C GLU A 344 10.02 -21.26 -2.46
N ALA A 345 9.10 -20.52 -3.10
CA ALA A 345 7.90 -21.14 -3.69
C ALA A 345 8.27 -22.09 -4.82
N ALA A 346 9.22 -21.67 -5.67
CA ALA A 346 9.76 -22.49 -6.74
C ALA A 346 10.46 -23.74 -6.22
N LYS A 347 11.21 -23.61 -5.12
CA LYS A 347 11.85 -24.78 -4.50
C LYS A 347 10.81 -25.78 -4.02
N GLN A 348 9.76 -25.28 -3.36
CA GLN A 348 8.66 -26.09 -2.83
C GLN A 348 7.86 -26.79 -3.92
N ALA A 349 7.70 -26.12 -5.06
CA ALA A 349 6.97 -26.66 -6.20
C ALA A 349 7.81 -27.65 -7.03
N GLY A 350 9.06 -27.84 -6.60
CA GLY A 350 9.98 -28.74 -7.29
C GLY A 350 10.43 -28.25 -8.65
N LEU A 351 10.31 -26.93 -8.88
CA LEU A 351 10.79 -26.31 -10.10
C LEU A 351 12.22 -25.81 -9.92
N ILE A 352 12.56 -25.49 -8.68
CA ILE A 352 13.91 -25.09 -8.25
C ILE A 352 14.61 -24.18 -9.26
N THR B 24 -26.14 17.28 16.66
CA THR B 24 -24.73 17.63 16.74
C THR B 24 -24.07 17.26 15.40
N ARG B 25 -23.21 18.13 14.91
CA ARG B 25 -22.58 17.94 13.62
C ARG B 25 -21.70 16.70 13.62
N PHE B 26 -21.00 16.47 14.74
CA PHE B 26 -20.03 15.37 14.84
C PHE B 26 -20.20 14.52 16.08
N ASP B 27 -20.06 13.22 15.90
CA ASP B 27 -19.98 12.30 17.01
C ASP B 27 -18.58 12.31 17.61
N VAL B 28 -17.57 12.16 16.77
CA VAL B 28 -16.20 12.10 17.27
C VAL B 28 -15.27 13.00 16.45
N LEU B 29 -14.57 13.89 17.15
CA LEU B 29 -13.45 14.61 16.60
C LEU B 29 -12.18 13.94 17.15
N THR B 30 -11.24 13.59 16.28
CA THR B 30 -9.96 13.10 16.78
C THR B 30 -8.86 14.08 16.39
N VAL B 31 -7.81 14.11 17.21
CA VAL B 31 -6.66 15.00 16.99
C VAL B 31 -5.40 14.15 17.15
N GLY B 32 -4.52 14.21 16.15
CA GLY B 32 -3.27 13.46 16.22
C GLY B 32 -2.20 13.86 15.23
N ASN B 33 -1.08 13.14 15.27
CA ASN B 33 -0.01 13.27 14.30
C ASN B 33 -0.39 12.67 12.97
N ALA B 34 -0.47 13.51 11.93
CA ALA B 34 -0.87 13.04 10.60
C ALA B 34 0.32 12.36 9.93
N ILE B 35 0.18 11.07 9.67
CA ILE B 35 1.32 10.24 9.25
C ILE B 35 0.91 9.32 8.12
N VAL B 36 1.82 9.13 7.16
CA VAL B 36 1.71 8.06 6.14
C VAL B 36 2.65 6.91 6.53
N ASP B 37 2.12 5.70 6.57
CA ASP B 37 2.87 4.50 6.93
C ASP B 37 3.57 3.95 5.72
N ILE B 38 4.78 3.45 5.95
CA ILE B 38 5.60 2.75 4.96
C ILE B 38 5.85 1.39 5.58
N ILE B 39 5.25 0.35 5.01
CA ILE B 39 5.12 -0.95 5.69
C ILE B 39 5.93 -2.04 4.99
N SER B 40 6.71 -2.79 5.77
CA SER B 40 7.43 -3.93 5.21
C SER B 40 7.50 -5.03 6.25
N ARG B 41 7.57 -6.27 5.78
CA ARG B 41 7.79 -7.40 6.69
C ARG B 41 9.30 -7.60 6.89
N CYS B 42 9.71 -7.96 8.10
CA CYS B 42 11.13 -8.21 8.35
C CYS B 42 11.32 -9.44 9.23
N ASN B 43 12.53 -10.00 9.22
CA ASN B 43 12.87 -11.06 10.15
C ASN B 43 13.20 -10.50 11.54
N ASP B 44 13.25 -11.38 12.52
CA ASP B 44 13.53 -10.98 13.91
C ASP B 44 14.87 -10.24 14.05
N GLN B 45 15.89 -10.75 13.37
CA GLN B 45 17.23 -10.18 13.46
C GLN B 45 17.32 -8.73 12.97
N PHE B 46 16.45 -8.33 12.05
CA PHE B 46 16.50 -6.97 11.53
C PHE B 46 16.31 -5.92 12.64
N LEU B 47 15.35 -6.16 13.52
CA LEU B 47 15.09 -5.24 14.65
C LEU B 47 16.31 -5.15 15.57
N ILE B 48 16.92 -6.29 15.85
CA ILE B 48 18.11 -6.34 16.72
C ILE B 48 19.28 -5.60 16.06
N ASP B 49 19.55 -5.92 14.79
CA ASP B 49 20.62 -5.26 14.05
C ASP B 49 20.49 -3.76 13.99
N ASN B 50 19.25 -3.27 13.96
CA ASN B 50 19.01 -1.84 13.78
C ASN B 50 18.61 -1.11 15.05
N GLN B 51 18.67 -1.82 16.18
CA GLN B 51 18.35 -1.27 17.50
C GLN B 51 16.96 -0.61 17.50
N ILE B 52 16.02 -1.27 16.84
CA ILE B 52 14.59 -0.91 16.88
C ILE B 52 13.90 -1.61 18.03
N THR B 53 13.29 -0.82 18.93
CA THR B 53 12.51 -1.41 20.03
C THR B 53 11.25 -2.09 19.48
N LYS B 54 11.15 -3.41 19.67
CA LYS B 54 10.01 -4.16 19.11
C LYS B 54 8.68 -3.76 19.74
N ALA B 55 7.65 -3.67 18.90
CA ALA B 55 6.27 -3.38 19.33
C ALA B 55 6.05 -1.94 19.80
N ALA B 56 7.05 -1.09 19.61
CA ALA B 56 6.96 0.29 20.11
C ALA B 56 7.03 1.34 19.00
N ASN B 58 9.12 4.20 17.85
CA ASN B 58 10.47 4.73 17.94
C ASN B 58 10.56 6.07 17.18
N LEU B 59 10.70 7.18 17.90
CA LEU B 59 10.94 8.47 17.22
C LEU B 59 12.30 8.49 16.55
N ILE B 60 12.36 9.04 15.33
CA ILE B 60 13.62 9.17 14.59
C ILE B 60 13.76 10.54 13.93
N ASP B 61 14.99 10.99 13.76
CA ASP B 61 15.24 12.21 12.99
C ASP B 61 15.34 11.93 11.48
N ALA B 62 15.54 12.99 10.70
CA ALA B 62 15.54 12.88 9.24
C ALA B 62 16.66 11.98 8.74
N GLU B 63 17.85 12.11 9.33
CA GLU B 63 18.99 11.28 8.93
C GLU B 63 18.73 9.80 9.20
N ARG B 64 18.21 9.48 10.37
CA ARG B 64 17.89 8.10 10.70
C ARG B 64 16.79 7.53 9.81
N ALA B 65 15.83 8.39 9.45
CA ALA B 65 14.77 7.98 8.52
C ALA B 65 15.36 7.53 7.18
N GLU B 66 16.29 8.33 6.63
CA GLU B 66 16.98 7.99 5.37
C GLU B 66 17.73 6.68 5.54
N LEU B 67 18.44 6.54 6.65
CA LEU B 67 19.23 5.34 6.94
C LEU B 67 18.36 4.08 6.97
N LEU B 68 17.29 4.09 7.79
CA LEU B 68 16.43 2.92 7.92
C LEU B 68 15.72 2.59 6.60
N TYR B 69 15.31 3.62 5.87
CA TYR B 69 14.68 3.41 4.56
C TYR B 69 15.63 2.68 3.61
N SER B 70 16.90 3.07 3.64
CA SER B 70 17.92 2.45 2.80
C SER B 70 18.08 0.96 3.07
N ARG B 71 17.73 0.54 4.29
CA ARG B 71 17.84 -0.85 4.71
C ARG B 71 16.55 -1.63 4.61
N GLY B 73 13.16 -3.25 2.90
CA GLY B 73 12.82 -3.91 1.65
C GLY B 73 11.73 -3.16 0.90
N PRO B 74 11.27 -3.71 -0.22
CA PRO B 74 10.12 -3.14 -0.94
C PRO B 74 8.94 -2.96 0.00
N ALA B 75 8.26 -1.82 -0.08
CA ALA B 75 7.22 -1.50 0.90
C ALA B 75 5.88 -1.14 0.27
N LEU B 76 4.87 -1.02 1.11
CA LEU B 76 3.55 -0.55 0.72
C LEU B 76 3.29 0.70 1.55
N GLU B 77 2.64 1.69 0.95
CA GLU B 77 2.26 2.90 1.69
C GLU B 77 0.77 2.95 1.94
N ALA B 78 0.41 3.40 3.14
CA ALA B 78 -0.99 3.55 3.51
C ALA B 78 -1.09 4.65 4.53
N SER B 79 -2.14 5.49 4.41
CA SER B 79 -2.40 6.53 5.42
C SER B 79 -2.51 5.92 6.81
N GLY B 80 -1.86 6.58 7.77
CA GLY B 80 -1.81 6.12 9.15
C GLY B 80 -2.11 7.24 10.13
N GLY B 81 -1.34 7.32 11.20
CA GLY B 81 -1.66 8.25 12.31
C GLY B 81 -2.71 7.61 13.21
N SER B 82 -2.38 7.42 14.50
CA SER B 82 -3.27 6.72 15.42
CA SER B 82 -3.28 6.72 15.42
C SER B 82 -4.70 7.31 15.40
N ALA B 83 -4.81 8.61 15.70
CA ALA B 83 -6.11 9.30 15.70
C ALA B 83 -6.76 9.33 14.33
N GLY B 84 -5.94 9.46 13.27
CA GLY B 84 -6.44 9.43 11.89
C GLY B 84 -7.16 8.12 11.62
N ASN B 85 -6.50 7.02 11.99
CA ASN B 85 -7.10 5.68 11.89
C ASN B 85 -8.41 5.59 12.69
N THR B 86 -8.39 6.10 13.92
CA THR B 86 -9.58 6.10 14.75
C THR B 86 -10.75 6.86 14.11
N ALA B 87 -10.48 8.05 13.58
CA ALA B 87 -11.51 8.83 12.90
C ALA B 87 -12.07 8.04 11.72
N ALA B 88 -11.18 7.43 10.93
CA ALA B 88 -11.61 6.70 9.72
C ALA B 88 -12.52 5.54 10.13
N GLY B 89 -12.17 4.90 11.25
CA GLY B 89 -12.93 3.75 11.76
C GLY B 89 -14.33 4.11 12.19
N VAL B 90 -14.45 5.25 12.87
CA VAL B 90 -15.77 5.81 13.26
C VAL B 90 -16.64 6.08 12.04
N ALA B 91 -16.08 6.73 11.02
CA ALA B 91 -16.78 6.99 9.77
C ALA B 91 -17.22 5.68 9.07
N ASN B 92 -16.30 4.72 9.01
CA ASN B 92 -16.58 3.40 8.44
C ASN B 92 -17.79 2.73 9.12
N LEU B 93 -17.81 2.73 10.47
CA LEU B 93 -18.93 2.21 11.26
C LEU B 93 -20.25 2.97 11.06
N GLY B 94 -20.18 4.19 10.53
CA GLY B 94 -21.37 5.00 10.23
C GLY B 94 -21.54 6.25 11.09
N GLY B 95 -20.57 6.51 11.95
CA GLY B 95 -20.60 7.69 12.82
C GLY B 95 -20.10 8.91 12.07
N LYS B 96 -20.32 10.08 12.63
CA LYS B 96 -19.92 11.32 11.96
C LYS B 96 -18.63 11.79 12.62
N ALA B 97 -17.53 11.79 11.85
CA ALA B 97 -16.19 12.06 12.40
C ALA B 97 -15.48 13.24 11.78
N ALA B 98 -14.56 13.84 12.55
CA ALA B 98 -13.73 14.94 12.10
C ALA B 98 -12.31 14.70 12.62
N TYR B 99 -11.35 15.35 12.00
CA TYR B 99 -9.95 15.14 12.33
C TYR B 99 -9.14 16.41 12.26
N PHE B 100 -8.29 16.66 13.26
CA PHE B 100 -7.27 17.71 13.15
C PHE B 100 -5.90 17.04 13.14
N GLY B 101 -5.07 17.43 12.18
CA GLY B 101 -3.69 16.94 12.07
C GLY B 101 -3.01 17.62 10.90
N ASN B 102 -1.72 17.87 11.05
CA ASN B 102 -1.02 18.71 10.08
C ASN B 102 -0.07 17.95 9.17
N VAL B 103 -0.32 18.05 7.87
CA VAL B 103 0.57 17.50 6.84
C VAL B 103 1.29 18.64 6.09
N ALA B 104 2.24 18.27 5.23
CA ALA B 104 2.89 19.27 4.36
C ALA B 104 2.18 19.33 3.02
N ALA B 105 2.49 20.37 2.24
CA ALA B 105 1.96 20.53 0.88
C ALA B 105 2.89 19.72 -0.03
N ASP B 106 2.76 18.40 0.04
CA ASP B 106 3.57 17.48 -0.78
C ASP B 106 2.74 16.26 -1.16
N GLN B 107 3.33 15.34 -1.92
CA GLN B 107 2.57 14.19 -2.40
C GLN B 107 2.09 13.28 -1.27
N LEU B 108 2.92 13.08 -0.24
CA LEU B 108 2.48 12.28 0.90
C LEU B 108 1.31 12.93 1.65
N GLY B 109 1.37 14.25 1.77
CA GLY B 109 0.29 15.04 2.35
C GLY B 109 -1.00 14.92 1.56
N ASP B 110 -0.88 14.98 0.22
CA ASP B 110 -2.02 14.80 -0.68
C ASP B 110 -2.66 13.41 -0.50
N ILE B 111 -1.82 12.40 -0.33
CA ILE B 111 -2.31 11.03 -0.06
C ILE B 111 -3.10 10.99 1.26
N PHE B 112 -2.50 11.53 2.32
CA PHE B 112 -3.15 11.56 3.60
C PHE B 112 -4.50 12.28 3.52
N THR B 113 -4.49 13.47 2.93
CA THR B 113 -5.71 14.28 2.76
C THR B 113 -6.77 13.50 2.00
N HIS B 114 -6.36 12.85 0.91
CA HIS B 114 -7.31 12.11 0.10
C HIS B 114 -7.98 10.99 0.89
N ASP B 115 -7.17 10.20 1.59
CA ASP B 115 -7.65 8.98 2.20
C ASP B 115 -8.65 9.23 3.32
N ILE B 116 -8.34 10.22 4.16
CA ILE B 116 -9.20 10.52 5.31
C ILE B 116 -10.52 11.17 4.85
N ARG B 117 -10.42 12.12 3.91
CA ARG B 117 -11.61 12.75 3.33
C ARG B 117 -12.47 11.75 2.53
N ALA B 118 -11.82 10.80 1.85
CA ALA B 118 -12.53 9.80 1.04
C ALA B 118 -13.37 8.86 1.89
N GLN B 119 -12.97 8.67 3.14
CA GLN B 119 -13.69 7.86 4.11
C GLN B 119 -14.87 8.64 4.71
N GLY B 120 -14.96 9.94 4.40
CA GLY B 120 -16.07 10.78 4.84
C GLY B 120 -15.83 11.45 6.19
N VAL B 121 -14.55 11.58 6.56
CA VAL B 121 -14.13 12.34 7.74
C VAL B 121 -13.90 13.80 7.35
N HIS B 122 -14.48 14.73 8.14
CA HIS B 122 -14.21 16.16 7.98
C HIS B 122 -12.73 16.43 8.28
N TYR B 123 -11.99 16.94 7.29
CA TYR B 123 -10.56 17.21 7.44
C TYR B 123 -10.19 18.46 6.68
N GLN B 124 -9.92 19.51 7.45
CA GLN B 124 -9.73 20.84 6.90
CA GLN B 124 -9.75 20.85 6.91
C GLN B 124 -8.46 21.54 7.36
N THR B 125 -7.62 20.84 8.12
CA THR B 125 -6.33 21.42 8.56
C THR B 125 -5.46 21.78 7.36
N LYS B 126 -5.04 23.04 7.30
CA LYS B 126 -4.27 23.57 6.17
C LYS B 126 -2.77 23.34 6.33
N PRO B 127 -2.10 22.79 5.29
CA PRO B 127 -0.64 22.70 5.34
C PRO B 127 0.01 24.09 5.42
N LYS B 128 1.16 24.17 6.06
CA LYS B 128 1.86 25.44 6.31
C LYS B 128 3.01 25.69 5.35
N GLY B 129 3.43 24.62 4.68
CA GLY B 129 4.48 24.71 3.68
C GLY B 129 4.88 23.31 3.23
N ALA B 130 5.97 23.24 2.49
CA ALA B 130 6.50 21.96 2.01
C ALA B 130 7.59 21.37 2.91
N PHE B 131 8.16 22.20 3.80
CA PHE B 131 9.14 21.75 4.79
C PHE B 131 8.75 22.25 6.18
N PRO B 132 8.81 21.38 7.22
CA PRO B 132 9.17 19.95 7.11
C PRO B 132 8.14 19.17 6.26
N PRO B 133 8.59 18.05 5.66
CA PRO B 133 7.65 17.29 4.84
C PRO B 133 6.69 16.48 5.70
N THR B 134 5.70 15.87 5.06
CA THR B 134 4.68 15.09 5.74
C THR B 134 5.32 13.94 6.52
N ALA B 135 4.89 13.81 7.77
CA ALA B 135 5.33 12.72 8.65
C ALA B 135 5.15 11.37 7.97
N ARG B 136 6.13 10.50 8.19
CA ARG B 136 6.01 9.10 7.80
C ARG B 136 6.55 8.18 8.88
N SER B 137 6.03 6.96 8.89
CA SER B 137 6.47 5.96 9.86
C SER B 137 6.81 4.68 9.11
N ILE B 139 7.14 1.09 9.34
CA ILE B 139 6.59 0.05 10.20
C ILE B 139 7.06 -1.33 9.73
N PHE B 140 7.77 -2.01 10.61
CA PHE B 140 8.30 -3.34 10.31
C PHE B 140 7.46 -4.38 11.03
N VAL B 141 6.86 -5.29 10.26
CA VAL B 141 5.96 -6.31 10.80
C VAL B 141 6.71 -7.64 10.81
N THR B 142 6.88 -8.20 12.00
CA THR B 142 7.60 -9.47 12.18
C THR B 142 6.63 -10.64 11.93
N GLU B 143 7.16 -11.86 11.84
CA GLU B 143 6.33 -13.04 11.48
C GLU B 143 5.18 -13.30 12.46
N ASP B 144 5.36 -12.88 13.71
CA ASP B 144 4.32 -12.99 14.73
C ASP B 144 3.19 -11.95 14.59
N GLY B 145 3.31 -11.07 13.60
CA GLY B 145 2.30 -10.03 13.34
C GLY B 145 2.49 -8.76 14.15
N GLU B 146 3.46 -8.75 15.05
CA GLU B 146 3.79 -7.53 15.82
CA GLU B 146 3.80 -7.54 15.82
C GLU B 146 4.35 -6.46 14.89
N ARG B 147 4.16 -5.21 15.27
CA ARG B 147 4.56 -4.09 14.45
C ARG B 147 5.45 -3.13 15.23
N SER B 148 6.54 -2.68 14.59
CA SER B 148 7.54 -1.86 15.26
C SER B 148 7.73 -0.63 14.40
N ASN B 150 8.74 3.36 13.31
CA ASN B 150 9.88 4.28 13.31
C ASN B 150 9.47 5.57 12.62
N THR B 151 9.20 6.58 13.44
CA THR B 151 8.42 7.72 13.00
C THR B 151 9.22 9.01 12.95
N TYR B 152 9.25 9.59 11.76
CA TYR B 152 9.79 10.94 11.59
C TYR B 152 8.61 11.90 11.55
N LEU B 153 8.53 12.76 12.56
CA LEU B 153 7.34 13.60 12.74
C LEU B 153 7.11 14.68 11.66
N GLY B 154 8.18 15.13 11.02
CA GLY B 154 8.07 16.10 9.93
C GLY B 154 7.13 17.24 10.27
N ALA B 155 6.14 17.46 9.40
CA ALA B 155 5.17 18.55 9.53
C ALA B 155 4.29 18.51 10.78
N CYS B 156 4.19 17.34 11.45
CA CYS B 156 3.47 17.24 12.73
C CYS B 156 3.95 18.25 13.79
N VAL B 157 5.23 18.64 13.73
CA VAL B 157 5.77 19.58 14.74
C VAL B 157 5.11 20.96 14.65
N GLU B 158 4.39 21.20 13.55
CA GLU B 158 3.76 22.49 13.32
C GLU B 158 2.32 22.63 13.79
N LEU B 159 1.71 21.51 14.21
CA LEU B 159 0.36 21.54 14.73
C LEU B 159 0.29 22.39 16.01
N GLY B 160 -0.63 23.34 16.03
CA GLY B 160 -0.75 24.23 17.19
C GLY B 160 -2.15 24.78 17.38
N PRO B 161 -2.32 25.70 18.34
CA PRO B 161 -3.62 26.30 18.60
C PRO B 161 -4.32 26.88 17.36
N GLU B 162 -3.55 27.34 16.37
CA GLU B 162 -4.10 27.92 15.13
C GLU B 162 -4.90 26.90 14.30
N ASP B 163 -4.70 25.62 14.60
CA ASP B 163 -5.38 24.53 13.91
C ASP B 163 -6.64 24.03 14.61
N VAL B 164 -7.02 24.68 15.71
CA VAL B 164 -8.25 24.30 16.41
C VAL B 164 -9.40 24.98 15.70
N GLU B 165 -10.26 24.18 15.06
CA GLU B 165 -11.51 24.67 14.50
C GLU B 165 -12.52 24.66 15.64
N ALA B 166 -12.68 25.83 16.27
CA ALA B 166 -13.46 25.93 17.51
C ALA B 166 -14.89 25.45 17.36
N ASP B 167 -15.53 25.78 16.23
CA ASP B 167 -16.90 25.34 15.93
CA ASP B 167 -16.91 25.34 15.97
C ASP B 167 -17.01 23.81 15.87
N VAL B 168 -15.94 23.17 15.42
CA VAL B 168 -15.95 21.70 15.30
C VAL B 168 -15.89 21.04 16.68
N VAL B 169 -14.94 21.47 17.51
CA VAL B 169 -14.85 21.02 18.91
C VAL B 169 -16.17 21.26 19.65
N ALA B 170 -16.70 22.48 19.56
CA ALA B 170 -18.00 22.83 20.13
C ALA B 170 -19.15 21.90 19.70
N ASP B 171 -19.08 21.39 18.46
CA ASP B 171 -20.15 20.58 17.84
C ASP B 171 -19.83 19.07 17.78
N ALA B 172 -18.89 18.60 18.62
CA ALA B 172 -18.54 17.16 18.61
C ALA B 172 -18.83 16.52 19.96
N LYS B 173 -19.58 15.41 19.95
CA LYS B 173 -19.95 14.74 21.19
C LYS B 173 -18.70 14.42 22.00
N VAL B 174 -17.71 13.80 21.35
CA VAL B 174 -16.42 13.47 21.98
C VAL B 174 -15.27 14.04 21.12
N THR B 175 -14.31 14.66 21.79
CA THR B 175 -13.02 14.98 21.20
C THR B 175 -11.96 14.08 21.82
N TYR B 176 -11.27 13.36 20.93
CA TYR B 176 -10.30 12.32 21.32
C TYR B 176 -8.94 12.66 20.76
N PHE B 177 -7.91 12.48 21.59
CA PHE B 177 -6.54 12.81 21.19
C PHE B 177 -5.49 11.78 21.63
N GLU B 178 -4.32 11.82 20.97
CA GLU B 178 -3.22 10.91 21.24
C GLU B 178 -2.28 11.44 22.30
N GLY B 179 -1.90 10.55 23.22
CA GLY B 179 -0.73 10.78 24.07
C GLY B 179 0.49 11.12 23.23
N TYR B 180 0.57 10.55 22.03
CA TYR B 180 1.66 10.85 21.09
C TYR B 180 1.84 12.35 20.83
N LEU B 181 0.78 13.14 21.01
CA LEU B 181 0.86 14.58 20.76
C LEU B 181 1.76 15.34 21.76
N TRP B 182 2.18 14.67 22.83
CA TRP B 182 3.08 15.33 23.79
C TRP B 182 4.53 15.38 23.28
N ASP B 183 4.83 14.65 22.21
CA ASP B 183 6.17 14.72 21.61
C ASP B 183 6.44 16.01 20.81
N PRO B 184 5.59 16.35 19.81
CA PRO B 184 5.79 17.64 19.11
C PRO B 184 5.57 18.81 20.09
N PRO B 185 6.16 19.98 19.82
CA PRO B 185 6.24 21.00 20.86
C PRO B 185 4.93 21.70 21.25
N ARG B 186 4.11 22.03 20.26
CA ARG B 186 2.99 22.94 20.49
C ARG B 186 1.61 22.28 20.44
N ALA B 187 1.57 20.99 20.07
CA ALA B 187 0.29 20.30 19.99
C ALA B 187 -0.52 20.31 21.29
N LYS B 188 0.15 20.22 22.45
CA LYS B 188 -0.50 20.22 23.76
C LYS B 188 -1.32 21.50 24.00
N GLU B 189 -0.85 22.63 23.45
CA GLU B 189 -1.57 23.90 23.54
C GLU B 189 -2.91 23.81 22.80
N ALA B 190 -2.89 23.16 21.64
CA ALA B 190 -4.13 22.93 20.89
C ALA B 190 -5.08 22.07 21.69
N ILE B 191 -4.55 21.01 22.28
CA ILE B 191 -5.35 20.08 23.08
C ILE B 191 -5.98 20.78 24.31
N LEU B 192 -5.20 21.61 25.01
CA LEU B 192 -5.79 22.36 26.13
C LEU B 192 -6.92 23.30 25.65
N ASP B 193 -6.77 23.91 24.48
CA ASP B 193 -7.84 24.73 23.89
C ASP B 193 -9.08 23.86 23.59
N CYS B 194 -8.86 22.71 22.95
CA CYS B 194 -9.93 21.72 22.76
C CYS B 194 -10.69 21.38 24.05
N ALA B 195 -9.95 21.06 25.12
CA ALA B 195 -10.52 20.71 26.42
C ALA B 195 -11.46 21.79 26.95
N ARG B 196 -11.04 23.05 26.81
CA ARG B 196 -11.81 24.19 27.30
CA ARG B 196 -11.81 24.19 27.30
C ARG B 196 -13.13 24.30 26.54
N ILE B 197 -13.02 24.33 25.21
CA ILE B 197 -14.18 24.48 24.34
C ILE B 197 -15.13 23.29 24.53
N ALA B 198 -14.59 22.07 24.48
CA ALA B 198 -15.41 20.87 24.67
C ALA B 198 -16.24 20.92 25.95
N HIS B 199 -15.57 21.19 27.08
CA HIS B 199 -16.25 21.24 28.37
C HIS B 199 -17.18 22.45 28.54
N GLN B 200 -16.83 23.57 27.92
CA GLN B 200 -17.74 24.74 27.90
C GLN B 200 -19.06 24.44 27.19
N HIS B 201 -19.00 23.56 26.19
CA HIS B 201 -20.18 23.18 25.41
C HIS B 201 -20.80 21.84 25.84
N GLY B 202 -20.39 21.33 27.00
CA GLY B 202 -20.96 20.12 27.60
C GLY B 202 -20.58 18.81 26.92
N ARG B 203 -19.43 18.81 26.26
CA ARG B 203 -18.97 17.66 25.48
C ARG B 203 -18.00 16.86 26.33
N GLU B 204 -17.53 15.72 25.81
CA GLU B 204 -16.54 14.96 26.56
C GLU B 204 -15.19 14.87 25.86
N SER B 206 -11.51 12.78 25.45
CA SER B 206 -10.94 11.44 25.55
C SER B 206 -9.47 11.40 25.10
N THR B 208 -5.95 8.56 24.37
CA THR B 208 -5.26 7.28 24.45
C THR B 208 -3.86 7.51 24.97
N LEU B 209 -3.40 6.58 25.81
CA LEU B 209 -2.03 6.58 26.31
C LEU B 209 -0.98 6.25 25.22
N SER B 210 -1.44 5.70 24.10
CA SER B 210 -0.67 5.60 22.85
C SER B 210 0.41 4.52 22.81
N ASP B 211 1.31 4.54 23.80
CA ASP B 211 2.52 3.71 23.75
C ASP B 211 3.17 3.74 25.13
N SER B 212 3.67 2.59 25.59
CA SER B 212 4.24 2.51 26.95
C SER B 212 5.44 3.44 27.20
N PHE B 213 6.30 3.62 26.19
CA PHE B 213 7.41 4.56 26.30
C PHE B 213 6.95 6.00 26.25
N CYS B 214 5.91 6.26 25.46
CA CYS B 214 5.24 7.56 25.49
C CYS B 214 4.75 7.88 26.92
N VAL B 215 4.14 6.89 27.58
CA VAL B 215 3.70 7.06 28.97
C VAL B 215 4.90 7.31 29.88
N ASP B 216 5.98 6.55 29.68
CA ASP B 216 7.23 6.78 30.43
C ASP B 216 7.65 8.26 30.31
N ARG B 217 7.54 8.83 29.11
CA ARG B 217 7.99 10.20 28.85
C ARG B 217 7.09 11.26 29.54
N TYR B 218 5.80 10.99 29.59
CA TYR B 218 4.80 12.02 29.99
C TYR B 218 3.84 11.60 31.12
N ARG B 219 4.30 10.67 31.95
CA ARG B 219 3.49 10.07 33.01
CA ARG B 219 3.48 10.07 33.01
C ARG B 219 2.76 11.12 33.88
N GLY B 220 3.54 12.05 34.43
CA GLY B 220 3.01 13.10 35.29
C GLY B 220 1.98 13.96 34.59
N GLU B 221 2.28 14.33 33.33
CA GLU B 221 1.37 15.16 32.55
C GLU B 221 0.07 14.44 32.23
N PHE B 222 0.17 13.18 31.81
CA PHE B 222 -1.03 12.38 31.57
C PHE B 222 -1.93 12.21 32.81
N LEU B 223 -1.34 11.90 33.96
CA LEU B 223 -2.10 11.79 35.21
C LEU B 223 -2.76 13.12 35.54
N ASP B 224 -2.06 14.22 35.27
CA ASP B 224 -2.60 15.56 35.56
C ASP B 224 -3.82 15.85 34.68
N LEU B 225 -3.76 15.48 33.40
CA LEU B 225 -4.89 15.63 32.49
C LEU B 225 -6.13 14.89 33.01
N ARG B 227 -6.68 13.66 36.31
CA ARG B 227 -7.04 14.14 37.66
C ARG B 227 -7.66 15.54 37.68
N SER B 228 -7.23 16.39 36.76
CA SER B 228 -7.79 17.74 36.65
C SER B 228 -9.14 17.73 35.91
N GLY B 229 -9.51 16.59 35.32
CA GLY B 229 -10.77 16.49 34.63
C GLY B 229 -10.74 17.02 33.19
N LYS B 230 -9.54 17.30 32.67
CA LYS B 230 -9.41 17.70 31.27
C LYS B 230 -9.76 16.54 30.34
N VAL B 231 -9.44 15.33 30.78
CA VAL B 231 -9.77 14.09 30.07
CA VAL B 231 -9.85 14.14 30.04
C VAL B 231 -10.83 13.32 30.86
N ASP B 232 -11.92 12.93 30.20
CA ASP B 232 -13.01 12.16 30.82
C ASP B 232 -12.89 10.67 30.57
N ILE B 233 -12.49 10.30 29.36
CA ILE B 233 -12.43 8.89 28.96
C ILE B 233 -11.00 8.55 28.51
N VAL B 234 -10.40 7.53 29.12
CA VAL B 234 -9.01 7.15 28.81
CA VAL B 234 -9.04 7.16 28.77
C VAL B 234 -8.94 5.76 28.19
N PHE B 235 -8.16 5.63 27.11
CA PHE B 235 -7.85 4.34 26.50
C PHE B 235 -6.43 3.94 26.84
N ALA B 236 -6.25 2.69 27.28
CA ALA B 236 -4.92 2.13 27.53
C ALA B 236 -4.91 0.68 27.11
N ASN B 237 -3.72 0.16 26.80
CA ASN B 237 -3.54 -1.30 26.77
C ASN B 237 -2.86 -1.72 28.06
N ARG B 238 -2.63 -3.02 28.21
CA ARG B 238 -2.02 -3.57 29.42
C ARG B 238 -0.69 -2.91 29.75
N GLN B 239 0.21 -2.84 28.76
CA GLN B 239 1.54 -2.30 29.01
C GLN B 239 1.49 -0.81 29.36
N GLU B 240 0.60 -0.06 28.70
CA GLU B 240 0.48 1.37 29.02
C GLU B 240 -0.03 1.59 30.42
N ALA B 241 -1.00 0.77 30.85
CA ALA B 241 -1.61 0.91 32.19
C ALA B 241 -0.57 0.60 33.24
N LEU B 242 0.21 -0.46 33.00
CA LEU B 242 1.31 -0.83 33.90
C LEU B 242 2.36 0.28 33.98
N SER B 243 2.70 0.85 32.83
N SER B 243 2.70 0.86 32.83
CA SER B 243 3.68 1.92 32.75
CA SER B 243 3.68 1.94 32.74
C SER B 243 3.17 3.16 33.50
C SER B 243 3.18 3.20 33.46
N LEU B 244 1.88 3.46 33.34
CA LEU B 244 1.32 4.69 33.95
C LEU B 244 1.54 4.73 35.47
N TYR B 245 1.46 3.57 36.11
CA TYR B 245 1.62 3.46 37.57
C TYR B 245 2.93 2.78 37.98
N GLN B 246 3.76 2.50 37.00
CA GLN B 246 5.08 1.85 37.19
C GLN B 246 4.94 0.62 38.09
N THR B 247 4.00 -0.24 37.72
CA THR B 247 3.71 -1.44 38.47
C THR B 247 3.75 -2.69 37.58
N ASP B 248 3.97 -3.84 38.22
CA ASP B 248 3.87 -5.16 37.59
C ASP B 248 2.50 -5.76 37.87
N ASP B 249 1.73 -5.10 38.74
CA ASP B 249 0.44 -5.60 39.21
C ASP B 249 -0.68 -4.99 38.39
N PHE B 250 -1.19 -5.75 37.42
CA PHE B 250 -2.27 -5.29 36.56
C PHE B 250 -3.53 -4.91 37.35
N GLU B 251 -3.81 -5.66 38.41
CA GLU B 251 -4.98 -5.34 39.24
C GLU B 251 -4.85 -3.99 39.93
N GLU B 252 -3.64 -3.68 40.42
CA GLU B 252 -3.36 -2.34 40.96
C GLU B 252 -3.61 -1.28 39.86
N ALA B 253 -3.07 -1.54 38.68
CA ALA B 253 -3.23 -0.61 37.54
C ALA B 253 -4.70 -0.35 37.25
N LEU B 254 -5.52 -1.39 37.25
CA LEU B 254 -6.96 -1.23 37.00
C LEU B 254 -7.65 -0.38 38.08
N ASN B 255 -7.38 -0.70 39.35
CA ASN B 255 -7.92 0.08 40.46
C ASN B 255 -7.53 1.57 40.38
N ARG B 256 -6.28 1.83 40.09
CA ARG B 256 -5.76 3.19 40.05
C ARG B 256 -6.31 3.99 38.86
N ILE B 257 -6.33 3.37 37.68
CA ILE B 257 -6.85 4.08 36.52
C ILE B 257 -8.34 4.43 36.69
N ALA B 258 -9.11 3.53 37.32
CA ALA B 258 -10.51 3.79 37.61
C ALA B 258 -10.68 4.98 38.58
N ALA B 259 -9.73 5.14 39.49
CA ALA B 259 -9.74 6.25 40.44
C ALA B 259 -9.36 7.58 39.78
N ASP B 260 -8.60 7.50 38.69
CA ASP B 260 -8.03 8.70 38.05
C ASP B 260 -8.87 9.32 36.91
N CYS B 261 -9.79 8.55 36.35
CA CYS B 261 -10.62 9.06 35.26
CA CYS B 261 -10.59 9.00 35.20
C CYS B 261 -12.04 8.53 35.34
N LYS B 262 -12.97 9.25 34.72
CA LYS B 262 -14.40 8.88 34.79
C LYS B 262 -14.67 7.51 34.16
N ILE B 263 -14.14 7.30 32.96
CA ILE B 263 -14.28 6.00 32.28
C ILE B 263 -12.91 5.60 31.74
N ALA B 264 -12.52 4.34 31.94
CA ALA B 264 -11.29 3.83 31.36
C ALA B 264 -11.61 2.58 30.53
N ALA B 265 -11.05 2.54 29.32
CA ALA B 265 -11.18 1.34 28.49
C ALA B 265 -9.78 0.74 28.35
N VAL B 266 -9.60 -0.45 28.92
CA VAL B 266 -8.29 -1.11 28.96
C VAL B 266 -8.26 -2.40 28.14
N THR B 267 -7.44 -2.40 27.10
CA THR B 267 -7.35 -3.58 26.21
C THR B 267 -6.27 -4.56 26.66
N SER B 269 -5.02 -7.33 24.54
CA SER B 269 -4.67 -8.12 23.36
C SER B 269 -5.63 -9.30 23.15
N GLU B 270 -5.11 -10.53 23.08
CA GLU B 270 -5.95 -11.71 22.84
C GLU B 270 -6.98 -11.96 23.96
N ASN B 271 -6.74 -11.37 25.13
CA ASN B 271 -7.63 -11.51 26.27
C ASN B 271 -8.76 -10.49 26.31
N GLY B 272 -8.94 -9.77 25.21
CA GLY B 272 -10.09 -8.87 25.06
C GLY B 272 -9.87 -7.53 25.72
N ALA B 273 -10.84 -7.11 26.54
CA ALA B 273 -10.79 -5.77 27.14
C ALA B 273 -11.62 -5.67 28.41
N VAL B 274 -11.39 -4.60 29.17
CA VAL B 274 -12.21 -4.30 30.35
C VAL B 274 -12.53 -2.81 30.39
N ILE B 275 -13.80 -2.50 30.63
CA ILE B 275 -14.26 -1.12 30.70
C ILE B 275 -14.56 -0.81 32.16
N LEU B 276 -14.03 0.30 32.64
CA LEU B 276 -14.16 0.66 34.05
C LEU B 276 -14.87 1.99 34.18
N LYS B 277 -15.81 2.04 35.11
CA LYS B 277 -16.49 3.29 35.48
C LYS B 277 -16.78 3.25 36.97
N GLY B 278 -16.03 4.06 37.72
CA GLY B 278 -16.11 4.03 39.18
C GLY B 278 -15.80 2.62 39.68
N ARG B 279 -16.80 1.96 40.23
CA ARG B 279 -16.66 0.59 40.72
C ARG B 279 -17.13 -0.45 39.71
N GLU B 280 -17.84 -0.01 38.67
CA GLU B 280 -18.32 -0.90 37.60
C GLU B 280 -17.14 -1.41 36.76
N ARG B 281 -17.15 -2.71 36.45
CA ARG B 281 -16.19 -3.33 35.52
C ARG B 281 -16.92 -4.20 34.52
N TYR B 282 -16.71 -3.96 33.23
CA TYR B 282 -17.30 -4.77 32.15
C TYR B 282 -16.23 -5.42 31.28
N TYR B 283 -16.13 -6.75 31.37
CA TYR B 283 -15.17 -7.50 30.59
C TYR B 283 -15.77 -7.89 29.28
N VAL B 284 -14.96 -7.84 28.22
CA VAL B 284 -15.37 -8.21 26.87
C VAL B 284 -14.34 -9.17 26.28
N ASN B 285 -14.81 -10.17 25.54
CA ASN B 285 -13.94 -11.12 24.85
C ASN B 285 -13.38 -10.58 23.52
N ALA B 286 -12.15 -10.95 23.20
CA ALA B 286 -11.57 -10.67 21.90
C ALA B 286 -12.10 -11.69 20.89
N ILE B 287 -12.08 -11.32 19.61
CA ILE B 287 -12.41 -12.25 18.55
C ILE B 287 -11.32 -13.33 18.47
N ARG B 288 -11.71 -14.59 18.30
CA ARG B 288 -10.74 -15.66 18.08
C ARG B 288 -10.16 -15.53 16.68
N ILE B 289 -8.84 -15.41 16.60
CA ILE B 289 -8.18 -15.05 15.35
C ILE B 289 -7.46 -16.23 14.70
N ARG B 290 -7.78 -16.45 13.43
CA ARG B 290 -7.17 -17.50 12.61
C ARG B 290 -5.65 -17.32 12.56
N GLU B 291 -5.21 -16.18 12.04
CA GLU B 291 -3.80 -15.82 12.01
C GLU B 291 -3.66 -14.30 12.04
N VAL B 292 -2.82 -13.81 12.93
CA VAL B 292 -2.61 -12.38 13.09
C VAL B 292 -1.66 -11.89 12.00
N VAL B 293 -2.23 -11.16 11.04
CA VAL B 293 -1.50 -10.67 9.88
C VAL B 293 -0.58 -9.50 10.25
N ASP B 294 -1.16 -8.44 10.80
CA ASP B 294 -0.41 -7.23 11.12
C ASP B 294 -1.22 -6.48 12.17
N THR B 295 -0.65 -6.36 13.37
CA THR B 295 -1.39 -5.76 14.51
C THR B 295 -1.56 -4.24 14.41
N THR B 296 -0.94 -3.63 13.40
CA THR B 296 -0.96 -2.17 13.27
C THR B 296 -2.40 -1.65 13.22
N GLY B 297 -2.73 -0.74 14.13
CA GLY B 297 -4.07 -0.17 14.20
C GLY B 297 -5.06 -0.84 15.14
N ALA B 298 -4.65 -1.91 15.82
CA ALA B 298 -5.57 -2.63 16.71
C ALA B 298 -6.19 -1.69 17.76
N GLY B 299 -5.33 -0.98 18.49
CA GLY B 299 -5.79 -0.06 19.55
C GLY B 299 -6.60 1.08 18.97
N ASP B 300 -6.17 1.59 17.81
CA ASP B 300 -6.88 2.69 17.15
C ASP B 300 -8.32 2.32 16.81
N LEU B 301 -8.49 1.12 16.25
CA LEU B 301 -9.82 0.64 15.85
C LEU B 301 -10.68 0.17 17.03
N PHE B 302 -10.05 -0.38 18.07
CA PHE B 302 -10.76 -0.54 19.34
C PHE B 302 -11.41 0.78 19.76
N ALA B 303 -10.65 1.89 19.66
CA ALA B 303 -11.20 3.18 20.07
C ALA B 303 -12.31 3.60 19.11
N SER B 304 -12.18 3.28 17.82
CA SER B 304 -13.22 3.59 16.84
C SER B 304 -14.55 2.95 17.24
N GLY B 305 -14.50 1.65 17.52
CA GLY B 305 -15.69 0.86 17.88
C GLY B 305 -16.29 1.34 19.19
N PHE B 306 -15.43 1.55 20.19
CA PHE B 306 -15.86 2.05 21.50
C PHE B 306 -16.56 3.42 21.38
N LEU B 307 -15.92 4.36 20.71
CA LEU B 307 -16.44 5.71 20.66
C LEU B 307 -17.67 5.82 19.76
N TYR B 308 -17.74 5.00 18.70
CA TYR B 308 -18.97 4.91 17.88
C TYR B 308 -20.11 4.44 18.77
N GLY B 309 -19.88 3.35 19.50
CA GLY B 309 -20.89 2.85 20.43
C GLY B 309 -21.29 3.90 21.46
N TYR B 310 -20.30 4.58 22.02
CA TYR B 310 -20.53 5.55 23.11
C TYR B 310 -21.41 6.72 22.68
N THR B 311 -21.17 7.22 21.47
CA THR B 311 -21.88 8.37 20.94
C THR B 311 -23.19 7.97 20.28
N GLN B 312 -23.46 6.66 20.24
CA GLN B 312 -24.76 6.15 19.84
C GLN B 312 -25.60 5.78 21.08
N GLY B 313 -25.06 6.08 22.26
CA GLY B 313 -25.74 5.80 23.53
C GLY B 313 -25.82 4.35 23.93
N ARG B 314 -24.87 3.54 23.47
CA ARG B 314 -24.84 2.12 23.80
C ARG B 314 -24.23 1.89 25.18
N SER B 315 -24.52 0.73 25.76
CA SER B 315 -23.95 0.32 27.02
C SER B 315 -22.42 0.24 26.95
N LEU B 316 -21.76 0.44 28.08
CA LEU B 316 -20.31 0.33 28.11
C LEU B 316 -19.83 -1.04 27.61
N GLU B 317 -20.52 -2.12 27.99
CA GLU B 317 -20.16 -3.45 27.47
C GLU B 317 -20.25 -3.52 25.95
N ASP B 318 -21.34 -3.00 25.39
CA ASP B 318 -21.54 -2.99 23.94
C ASP B 318 -20.52 -2.11 23.20
N CYS B 319 -20.08 -1.05 23.87
CA CYS B 319 -19.03 -0.21 23.31
C CYS B 319 -17.74 -1.03 23.23
N GLY B 320 -17.46 -1.79 24.29
CA GLY B 320 -16.36 -2.74 24.31
C GLY B 320 -16.44 -3.79 23.21
N LYS B 321 -17.64 -4.36 23.02
CA LYS B 321 -17.84 -5.36 21.98
C LYS B 321 -17.57 -4.78 20.60
N LEU B 322 -18.05 -3.56 20.37
CA LEU B 322 -17.82 -2.88 19.10
C LEU B 322 -16.32 -2.62 18.88
N GLY B 323 -15.63 -2.19 19.95
CA GLY B 323 -14.19 -1.97 19.87
C GLY B 323 -13.44 -3.25 19.52
N CYS B 324 -13.77 -4.35 20.19
CA CYS B 324 -13.11 -5.62 19.93
C CYS B 324 -13.39 -6.13 18.52
N LEU B 325 -14.60 -5.89 18.05
CA LEU B 325 -14.95 -6.32 16.68
C LEU B 325 -14.10 -5.57 15.63
N ALA B 326 -14.04 -4.25 15.74
CA ALA B 326 -13.26 -3.45 14.80
C ALA B 326 -11.76 -3.78 14.90
N ALA B 327 -11.25 -3.91 16.13
CA ALA B 327 -9.85 -4.27 16.32
C ALA B 327 -9.47 -5.63 15.70
N GLY B 328 -10.30 -6.65 15.93
CA GLY B 328 -10.10 -7.98 15.35
C GLY B 328 -10.06 -8.01 13.83
N ILE B 329 -10.88 -7.16 13.22
CA ILE B 329 -10.90 -7.03 11.74
C ILE B 329 -9.61 -6.39 11.21
N VAL B 330 -9.18 -5.30 11.81
CA VAL B 330 -7.99 -4.58 11.33
C VAL B 330 -6.70 -5.41 11.39
N ILE B 331 -6.59 -6.32 12.36
CA ILE B 331 -5.34 -7.08 12.53
C ILE B 331 -5.20 -8.26 11.54
N GLN B 332 -6.27 -8.50 10.78
CA GLN B 332 -6.26 -9.58 9.76
C GLN B 332 -5.99 -9.04 8.35
N GLN B 333 -5.48 -7.82 8.26
CA GLN B 333 -5.15 -7.20 6.97
C GLN B 333 -3.90 -6.35 7.07
N ILE B 334 -3.28 -6.12 5.92
CA ILE B 334 -2.18 -5.15 5.77
C ILE B 334 -2.80 -3.75 5.62
N GLY B 335 -2.34 -2.78 6.39
CA GLY B 335 -2.94 -1.45 6.38
C GLY B 335 -3.68 -1.19 7.70
N PRO B 336 -3.55 0.03 8.25
CA PRO B 336 -4.08 0.32 9.59
C PRO B 336 -5.56 0.73 9.61
N ARG B 337 -6.17 0.81 8.44
CA ARG B 337 -7.56 1.22 8.33
C ARG B 337 -8.32 0.17 7.55
N PRO B 338 -9.33 -0.45 8.18
CA PRO B 338 -10.06 -1.54 7.53
C PRO B 338 -10.58 -1.15 6.14
N THR B 340 -12.64 -3.14 4.53
CA THR B 340 -13.98 -3.73 4.51
C THR B 340 -14.96 -2.91 5.34
N SER B 341 -16.25 -3.21 5.18
CA SER B 341 -17.29 -2.47 5.89
C SER B 341 -17.43 -2.93 7.34
N LEU B 342 -17.07 -2.04 8.25
CA LEU B 342 -17.23 -2.29 9.67
C LEU B 342 -18.70 -2.30 10.07
N SER B 343 -19.48 -1.38 9.49
CA SER B 343 -20.92 -1.36 9.71
C SER B 343 -21.56 -2.70 9.33
N GLU B 344 -21.18 -3.27 8.19
CA GLU B 344 -21.72 -4.57 7.80
C GLU B 344 -21.29 -5.69 8.75
N ALA B 345 -20.05 -5.66 9.22
CA ALA B 345 -19.57 -6.65 10.18
C ALA B 345 -20.34 -6.52 11.51
N ALA B 346 -20.55 -5.28 11.95
CA ALA B 346 -21.31 -4.99 13.17
C ALA B 346 -22.75 -5.50 13.07
N LYS B 347 -23.36 -5.34 11.90
CA LYS B 347 -24.70 -5.88 11.64
C LYS B 347 -24.75 -7.40 11.74
N GLN B 348 -23.79 -8.07 11.11
CA GLN B 348 -23.72 -9.53 11.14
C GLN B 348 -23.56 -10.04 12.57
N ALA B 349 -22.85 -9.25 13.38
CA ALA B 349 -22.49 -9.60 14.75
C ALA B 349 -23.60 -9.26 15.73
N GLY B 350 -24.70 -8.71 15.21
CA GLY B 350 -25.83 -8.32 16.05
C GLY B 350 -25.54 -7.14 16.95
N LEU B 351 -24.47 -6.41 16.66
CA LEU B 351 -24.13 -5.20 17.41
C LEU B 351 -24.78 -3.99 16.74
N ILE B 352 -25.01 -4.12 15.42
CA ILE B 352 -25.77 -3.18 14.58
C ILE B 352 -25.23 -1.75 14.56
#